data_9B96
#
_entry.id   9B96
#
_cell.length_a   202.260
_cell.length_b   50.730
_cell.length_c   75.560
_cell.angle_alpha   90.000
_cell.angle_beta   105.077
_cell.angle_gamma   90.000
#
_symmetry.space_group_name_H-M   'C 1 2 1'
#
loop_
_entity.id
_entity.type
_entity.pdbx_description
1 polymer 'Protein-arginine deiminase type-2'
2 non-polymer 1-({(2P)-1-{(1R)-1-(2-bromophenyl)-3-[5-(methanesulfonamido)-2-methylanilino]-3-oxopropyl}-2-[3-(4-chlorophenoxy)phenyl]-1H-1,3-benzimidazol-6-yl}methyl)-N-methyl-D-prolinamide
3 non-polymer 'ACETATE ION'
4 non-polymer 'CALCIUM ION'
5 water water
#
_entity_poly.entity_id   1
_entity_poly.type   'polypeptide(L)'
_entity_poly.pdbx_seq_one_letter_code
;MGHHHHHHHHHHSSGHIEGRHMLRERTVRLQYGSRVEAVYVLGTYLWTDVYSAAPAGAQTFSLKHSEHVWVEVVRDGEAE
EVATNGKQRWLLSPSTTLRVTMSQASTEASSDKVTVNYYDEEGSIPIDQAGLFLTAIEISLDVDADRDGVVEKNNPKKAS
WTWGPEGQGAILLVNCDRETPWLPKEDCRDEKVYSKEDLKDMSQMILRTKGPDRLPAGYEIVLYISMSDSDKVGVFYVEN
PFFGQRYIHILGRRKLYHVVKYTGGSAELLFFVEGLCFPDEGFSGLVSIHVSLLEYMAQDIPLTPIFTDTVIFRIAPWIM
TPNILPPVSVFVCCMKDNYLFLKEVKNLVEKTNCELKVCFQYLNRGDRWIQDEIEFGYIEAPHKGFPVVLDSPRDGNLKD
FPVKELLGPDFGYVTREPLFESVTSLDSFGNLEVSPPVTVNGKTYPLGRILIGSSFPLSGGRRMTKVVRDFLKAQQVQAP
VELYSDWLTVGHVDEFMSFVPIPGTKKFLLLMASTSACYKLFREKQKDGHGEAIMFKGLGGMSSKRITINKILSNESLVQ
ENLYFQRCLDWNRDILKKELGLTEQDIIDLPALFKMDEDHRARAFFPNMVNMIVLDKDLGIPKPFGPQVEEECCLEMHVR
GLLEPLGLECTFIDDISAYHKFLGEVHCGTNVRRKPFTFKWWHMVPSRRS
;
_entity_poly.pdbx_strand_id   A
#
loop_
_chem_comp.id
_chem_comp.type
_chem_comp.name
_chem_comp.formula
A1AJA non-polymer 1-({(2P)-1-{(1R)-1-(2-bromophenyl)-3-[5-(methanesulfonamido)-2-methylanilino]-3-oxopropyl}-2-[3-(4-chlorophenoxy)phenyl]-1H-1,3-benzimidazol-6-yl}methyl)-N-methyl-D-prolinamide 'C43 H42 Br Cl N6 O5 S'
ACT non-polymer 'ACETATE ION' 'C2 H3 O2 -1'
CA non-polymer 'CALCIUM ION' 'Ca 2'
#
# COMPACT_ATOMS: atom_id res chain seq x y z
N ARG A 24 4.49 -32.20 -9.62
CA ARG A 24 5.83 -31.97 -10.22
C ARG A 24 6.46 -33.36 -10.37
N GLU A 25 6.76 -33.76 -11.63
CA GLU A 25 7.46 -34.99 -11.94
C GLU A 25 8.96 -34.71 -11.92
N ARG A 26 9.74 -35.56 -11.26
CA ARG A 26 11.16 -35.31 -11.09
C ARG A 26 11.87 -36.55 -11.62
N THR A 27 13.02 -36.35 -12.27
CA THR A 27 13.81 -37.45 -12.80
C THR A 27 14.77 -37.98 -11.73
N VAL A 28 14.62 -39.28 -11.45
CA VAL A 28 15.57 -40.00 -10.63
C VAL A 28 15.84 -41.35 -11.27
N ARG A 29 17.03 -41.48 -11.85
CA ARG A 29 17.47 -42.70 -12.54
C ARG A 29 18.15 -43.63 -11.58
N LEU A 30 17.93 -44.94 -11.78
CA LEU A 30 18.80 -45.92 -11.16
C LEU A 30 20.16 -45.84 -11.83
N GLN A 31 21.13 -46.37 -11.09
CA GLN A 31 22.52 -46.30 -11.46
C GLN A 31 23.03 -47.71 -11.66
N TYR A 32 23.60 -47.91 -12.85
CA TYR A 32 24.13 -49.18 -13.32
C TYR A 32 24.63 -50.06 -12.16
N GLY A 33 23.85 -51.12 -11.84
CA GLY A 33 24.20 -52.16 -10.89
C GLY A 33 24.40 -51.68 -9.44
N SER A 34 23.85 -50.51 -9.09
CA SER A 34 24.26 -49.84 -7.85
C SER A 34 23.03 -49.35 -7.05
N ARG A 35 23.27 -48.75 -5.88
CA ARG A 35 22.18 -48.20 -5.06
C ARG A 35 22.21 -46.68 -5.17
N VAL A 36 21.04 -46.07 -5.29
CA VAL A 36 20.89 -44.62 -5.35
C VAL A 36 20.09 -44.20 -4.13
N GLU A 37 20.58 -43.21 -3.35
CA GLU A 37 19.82 -42.71 -2.22
C GLU A 37 19.30 -41.34 -2.61
N ALA A 38 18.01 -41.08 -2.31
CA ALA A 38 17.39 -39.83 -2.70
C ALA A 38 16.40 -39.42 -1.63
N VAL A 39 16.29 -38.11 -1.46
CA VAL A 39 15.20 -37.50 -0.74
C VAL A 39 14.02 -37.28 -1.69
N TYR A 40 12.82 -37.63 -1.21
CA TYR A 40 11.57 -37.50 -1.94
C TYR A 40 10.77 -36.44 -1.22
N VAL A 41 10.39 -35.36 -1.94
CA VAL A 41 9.69 -34.28 -1.30
C VAL A 41 8.21 -34.46 -1.58
N LEU A 42 7.39 -34.49 -0.52
CA LEU A 42 5.97 -34.72 -0.74
C LEU A 42 5.40 -33.62 -1.65
N GLY A 43 4.48 -34.05 -2.50
CA GLY A 43 3.84 -33.21 -3.51
C GLY A 43 4.55 -33.29 -4.86
N THR A 44 5.62 -34.08 -4.92
CA THR A 44 6.27 -34.46 -6.15
C THR A 44 6.06 -35.94 -6.40
N TYR A 45 6.49 -36.39 -7.55
CA TYR A 45 6.67 -37.82 -7.75
C TYR A 45 7.83 -38.01 -8.72
N LEU A 46 8.30 -39.25 -8.81
CA LEU A 46 9.52 -39.54 -9.56
C LEU A 46 9.15 -40.35 -10.79
N TRP A 47 9.84 -40.08 -11.91
CA TRP A 47 9.92 -41.07 -12.96
C TRP A 47 11.34 -41.62 -12.95
N THR A 48 11.45 -42.94 -13.08
CA THR A 48 12.70 -43.62 -12.79
C THR A 48 13.03 -44.49 -14.01
N ASP A 49 14.20 -44.21 -14.59
CA ASP A 49 14.79 -45.02 -15.62
C ASP A 49 15.32 -46.31 -14.99
N VAL A 50 14.90 -47.47 -15.53
CA VAL A 50 15.49 -48.75 -15.09
C VAL A 50 16.34 -49.38 -16.20
N TYR A 51 16.17 -48.91 -17.43
CA TYR A 51 16.82 -49.44 -18.62
C TYR A 51 18.33 -49.17 -18.63
N SER A 52 18.75 -47.98 -18.17
CA SER A 52 20.14 -47.54 -18.22
C SER A 52 21.01 -48.30 -17.23
N ALA A 53 20.44 -48.67 -16.07
CA ALA A 53 21.16 -49.39 -15.04
C ALA A 53 21.24 -50.90 -15.31
N ALA A 54 20.54 -51.36 -16.36
CA ALA A 54 20.49 -52.79 -16.66
C ALA A 54 21.86 -53.23 -17.18
N PRO A 55 22.44 -54.35 -16.70
CA PRO A 55 23.63 -54.91 -17.34
C PRO A 55 23.34 -55.20 -18.81
N ALA A 56 24.40 -55.14 -19.61
CA ALA A 56 24.34 -55.50 -21.02
C ALA A 56 23.89 -56.94 -21.12
N GLY A 57 22.99 -57.25 -22.03
CA GLY A 57 22.55 -58.61 -22.15
C GLY A 57 21.20 -58.86 -21.45
N ALA A 58 20.91 -58.10 -20.38
CA ALA A 58 19.69 -58.31 -19.61
C ALA A 58 18.49 -58.12 -20.52
N GLN A 59 17.47 -58.96 -20.36
CA GLN A 59 16.29 -58.86 -21.21
C GLN A 59 15.06 -58.44 -20.43
N THR A 60 15.01 -58.80 -19.15
CA THR A 60 13.84 -58.50 -18.32
C THR A 60 14.24 -57.98 -16.95
N PHE A 61 13.26 -57.42 -16.24
CA PHE A 61 13.46 -56.96 -14.88
C PHE A 61 12.21 -57.31 -14.06
N SER A 62 12.40 -57.41 -12.74
CA SER A 62 11.28 -57.47 -11.80
C SER A 62 11.53 -56.38 -10.78
N LEU A 63 10.57 -56.18 -9.86
CA LEU A 63 10.81 -55.22 -8.79
C LEU A 63 10.06 -55.59 -7.52
N LYS A 64 10.59 -55.03 -6.43
CA LYS A 64 10.04 -55.09 -5.09
C LYS A 64 10.05 -53.67 -4.57
N HIS A 65 9.13 -53.36 -3.65
CA HIS A 65 9.10 -52.07 -3.02
C HIS A 65 8.45 -52.18 -1.64
N SER A 66 8.76 -51.22 -0.78
CA SER A 66 8.24 -51.14 0.56
C SER A 66 6.80 -50.61 0.54
N GLU A 67 6.10 -50.73 1.67
CA GLU A 67 4.67 -50.46 1.77
C GLU A 67 4.32 -49.00 1.49
N HIS A 68 5.16 -48.04 1.88
CA HIS A 68 4.79 -46.64 1.74
C HIS A 68 5.26 -46.05 0.41
N VAL A 69 5.70 -46.89 -0.52
CA VAL A 69 6.07 -46.43 -1.84
C VAL A 69 5.08 -47.04 -2.83
N TRP A 70 4.40 -46.19 -3.62
CA TRP A 70 3.62 -46.69 -4.76
C TRP A 70 4.51 -46.72 -5.99
N VAL A 71 4.50 -47.84 -6.70
CA VAL A 71 5.27 -48.00 -7.92
C VAL A 71 4.31 -48.44 -9.03
N GLU A 72 4.41 -47.77 -10.18
CA GLU A 72 3.74 -48.21 -11.39
C GLU A 72 4.79 -48.50 -12.46
N VAL A 73 4.54 -49.52 -13.28
CA VAL A 73 5.30 -49.74 -14.51
C VAL A 73 4.57 -49.01 -15.64
N VAL A 74 5.32 -48.21 -16.40
CA VAL A 74 4.75 -47.34 -17.42
C VAL A 74 5.39 -47.72 -18.74
N ARG A 75 4.59 -48.26 -19.65
CA ARG A 75 5.04 -48.55 -21.00
C ARG A 75 4.28 -47.62 -21.93
N ASP A 76 5.03 -46.82 -22.70
CA ASP A 76 4.45 -46.01 -23.75
C ASP A 76 3.25 -45.25 -23.19
N GLY A 77 3.39 -44.73 -21.97
CA GLY A 77 2.38 -43.87 -21.36
C GLY A 77 1.30 -44.65 -20.60
N GLU A 78 1.39 -45.99 -20.59
CA GLU A 78 0.37 -46.81 -19.96
C GLU A 78 0.90 -47.41 -18.65
N ALA A 79 0.31 -46.98 -17.53
CA ALA A 79 0.78 -47.28 -16.18
C ALA A 79 0.01 -48.46 -15.57
N GLU A 80 0.75 -49.33 -14.89
CA GLU A 80 0.19 -50.44 -14.14
C GLU A 80 0.83 -50.41 -12.75
N GLU A 81 -0.02 -50.40 -11.71
CA GLU A 81 0.41 -50.43 -10.32
C GLU A 81 1.01 -51.81 -10.05
N VAL A 82 2.07 -51.87 -9.23
CA VAL A 82 2.82 -53.09 -9.01
C VAL A 82 2.84 -53.39 -7.51
N ALA A 83 2.73 -54.69 -7.14
CA ALA A 83 2.70 -55.14 -5.75
C ALA A 83 4.06 -54.96 -5.08
N THR A 84 4.05 -55.00 -3.75
CA THR A 84 5.25 -54.86 -2.95
C THR A 84 6.24 -55.99 -3.24
N ASN A 85 5.72 -57.20 -3.55
CA ASN A 85 6.48 -58.41 -3.27
C ASN A 85 6.06 -59.51 -4.24
N GLY A 86 5.86 -59.13 -5.50
CA GLY A 86 5.53 -60.08 -6.54
C GLY A 86 6.79 -60.64 -7.20
N LYS A 87 6.64 -61.14 -8.42
CA LYS A 87 7.76 -61.67 -9.18
C LYS A 87 7.48 -61.49 -10.66
N GLN A 88 6.59 -60.55 -10.99
CA GLN A 88 6.26 -60.28 -12.37
C GLN A 88 7.50 -59.74 -13.08
N ARG A 89 7.66 -60.08 -14.36
CA ARG A 89 8.79 -59.61 -15.16
C ARG A 89 8.27 -58.84 -16.36
N TRP A 90 9.04 -57.83 -16.77
CA TRP A 90 8.72 -57.01 -17.92
C TRP A 90 9.96 -56.97 -18.81
N LEU A 91 9.77 -56.91 -20.13
CA LEU A 91 10.87 -56.66 -21.06
C LEU A 91 11.51 -55.32 -20.74
N LEU A 92 12.85 -55.29 -20.64
CA LEU A 92 13.63 -54.07 -20.61
C LEU A 92 13.45 -53.31 -21.91
N SER A 93 13.06 -52.03 -21.81
CA SER A 93 12.88 -51.17 -22.96
C SER A 93 13.14 -49.73 -22.53
N PRO A 94 13.79 -48.89 -23.39
CA PRO A 94 13.88 -47.46 -23.15
C PRO A 94 12.54 -46.84 -22.74
N SER A 95 11.43 -47.33 -23.31
CA SER A 95 10.14 -46.70 -23.07
C SER A 95 9.33 -47.44 -22.01
N THR A 96 9.97 -48.36 -21.28
CA THR A 96 9.37 -48.91 -20.06
C THR A 96 10.12 -48.38 -18.85
N THR A 97 9.40 -47.55 -18.07
CA THR A 97 9.98 -46.88 -16.92
C THR A 97 9.13 -47.14 -15.68
N LEU A 98 9.59 -46.61 -14.53
CA LEU A 98 8.79 -46.57 -13.31
C LEU A 98 8.29 -45.17 -12.96
N ARG A 99 7.11 -45.15 -12.33
CA ARG A 99 6.61 -43.98 -11.64
C ARG A 99 6.49 -44.31 -10.14
N VAL A 100 7.12 -43.46 -9.34
CA VAL A 100 7.30 -43.69 -7.90
C VAL A 100 6.66 -42.53 -7.16
N THR A 101 5.69 -42.86 -6.29
CA THR A 101 4.91 -41.92 -5.52
C THR A 101 4.92 -42.29 -4.03
N MET A 102 5.01 -41.28 -3.16
CA MET A 102 4.85 -41.43 -1.72
C MET A 102 3.90 -40.34 -1.26
N SER A 103 3.16 -40.61 -0.18
CA SER A 103 2.24 -39.63 0.39
C SER A 103 2.53 -39.33 1.85
N GLN A 104 3.36 -40.12 2.54
CA GLN A 104 3.72 -39.80 3.90
C GLN A 104 5.24 -39.71 4.09
N ALA A 105 5.61 -38.80 4.99
CA ALA A 105 6.98 -38.58 5.41
C ALA A 105 7.54 -39.82 6.12
N SER A 106 8.83 -40.04 5.86
CA SER A 106 9.61 -41.06 6.51
C SER A 106 9.82 -40.72 7.98
N THR A 107 9.96 -41.76 8.80
CA THR A 107 10.32 -41.62 10.21
C THR A 107 11.69 -42.29 10.41
N GLU A 108 12.07 -42.44 11.69
CA GLU A 108 13.25 -43.22 12.07
C GLU A 108 13.10 -44.71 11.75
N ALA A 109 11.87 -45.22 11.71
CA ALA A 109 11.63 -46.66 11.53
C ALA A 109 11.37 -47.00 10.06
N SER A 110 11.47 -46.02 9.14
CA SER A 110 11.07 -46.20 7.75
C SER A 110 12.15 -46.91 6.95
N SER A 111 11.75 -47.87 6.10
CA SER A 111 12.64 -48.48 5.12
C SER A 111 12.05 -48.31 3.73
N ASP A 112 12.02 -47.07 3.24
CA ASP A 112 11.38 -46.80 1.95
C ASP A 112 12.37 -47.12 0.82
N LYS A 113 11.99 -48.06 -0.05
CA LYS A 113 12.91 -48.54 -1.06
C LYS A 113 12.12 -49.16 -2.22
N VAL A 114 12.76 -49.08 -3.41
CA VAL A 114 12.39 -49.82 -4.59
C VAL A 114 13.64 -50.57 -5.03
N THR A 115 13.51 -51.87 -5.33
CA THR A 115 14.67 -52.60 -5.85
C THR A 115 14.27 -53.32 -7.14
N VAL A 116 15.17 -53.26 -8.13
CA VAL A 116 14.92 -53.76 -9.47
C VAL A 116 15.91 -54.91 -9.65
N ASN A 117 15.38 -56.08 -10.02
CA ASN A 117 16.23 -57.20 -10.41
C ASN A 117 16.24 -57.33 -11.91
N TYR A 118 17.41 -57.68 -12.45
CA TYR A 118 17.60 -57.86 -13.88
C TYR A 118 17.94 -59.32 -14.18
N TYR A 119 17.39 -59.82 -15.28
CA TYR A 119 17.57 -61.20 -15.73
C TYR A 119 18.02 -61.25 -17.20
N ASP A 120 18.91 -62.21 -17.52
CA ASP A 120 19.22 -62.52 -18.92
C ASP A 120 18.23 -63.56 -19.45
N GLU A 121 18.35 -63.87 -20.76
CA GLU A 121 17.40 -64.68 -21.52
C GLU A 121 17.13 -66.02 -20.84
N GLU A 122 18.22 -66.70 -20.46
CA GLU A 122 18.15 -68.08 -20.03
C GLU A 122 17.56 -68.15 -18.62
N GLY A 123 18.38 -67.82 -17.62
CA GLY A 123 18.07 -68.12 -16.22
C GLY A 123 16.94 -67.27 -15.63
N SER A 124 16.43 -67.76 -14.49
CA SER A 124 15.40 -67.05 -13.73
C SER A 124 15.98 -66.57 -12.40
N ILE A 125 17.29 -66.73 -12.19
CA ILE A 125 17.97 -66.11 -11.07
C ILE A 125 18.47 -64.75 -11.54
N PRO A 126 18.30 -63.69 -10.71
CA PRO A 126 18.76 -62.36 -11.11
C PRO A 126 20.28 -62.30 -11.30
N ILE A 127 20.71 -61.61 -12.36
CA ILE A 127 22.13 -61.44 -12.65
C ILE A 127 22.67 -60.17 -12.01
N ASP A 128 21.76 -59.27 -11.59
CA ASP A 128 22.16 -57.99 -11.04
C ASP A 128 20.94 -57.32 -10.40
N GLN A 129 21.18 -56.35 -9.51
CA GLN A 129 20.12 -55.61 -8.86
C GLN A 129 20.49 -54.13 -8.79
N ALA A 130 19.49 -53.25 -8.94
CA ALA A 130 19.70 -51.83 -8.70
C ALA A 130 18.62 -51.35 -7.74
N GLY A 131 19.02 -50.53 -6.76
CA GLY A 131 18.17 -50.09 -5.66
C GLY A 131 18.01 -48.56 -5.63
N LEU A 132 16.81 -48.13 -5.21
CA LEU A 132 16.50 -46.76 -4.91
C LEU A 132 16.01 -46.69 -3.47
N PHE A 133 16.75 -45.98 -2.62
CA PHE A 133 16.42 -45.86 -1.21
C PHE A 133 15.94 -44.44 -0.98
N LEU A 134 14.75 -44.29 -0.40
CA LEU A 134 14.06 -43.02 -0.37
C LEU A 134 13.81 -42.55 1.07
N THR A 135 14.03 -41.26 1.30
CA THR A 135 13.61 -40.59 2.50
C THR A 135 12.56 -39.57 2.08
N ALA A 136 11.29 -39.74 2.46
CA ALA A 136 10.25 -38.76 2.17
C ALA A 136 10.17 -37.68 3.25
N ILE A 137 10.17 -36.43 2.79
N ILE A 137 10.10 -36.42 2.79
CA ILE A 137 9.97 -35.30 3.68
CA ILE A 137 10.10 -35.23 3.63
C ILE A 137 8.89 -34.43 3.07
C ILE A 137 9.07 -34.25 3.08
N GLU A 138 8.26 -33.68 3.98
CA GLU A 138 7.38 -32.59 3.62
C GLU A 138 8.18 -31.30 3.84
N ILE A 139 8.14 -30.38 2.85
CA ILE A 139 8.75 -29.06 3.00
C ILE A 139 7.80 -28.04 2.39
N SER A 140 7.42 -27.03 3.17
CA SER A 140 6.47 -26.04 2.69
C SER A 140 6.74 -24.70 3.37
N LEU A 141 6.94 -23.64 2.56
CA LEU A 141 7.08 -22.29 3.05
C LEU A 141 5.70 -21.67 2.97
N ASP A 142 5.09 -21.34 4.13
CA ASP A 142 3.68 -20.99 4.21
C ASP A 142 3.53 -19.53 4.63
N VAL A 143 2.51 -18.91 4.02
CA VAL A 143 2.07 -17.56 4.35
C VAL A 143 0.55 -17.51 4.34
N ASP A 144 0.04 -16.40 4.87
CA ASP A 144 -1.38 -16.11 4.97
C ASP A 144 -1.89 -15.55 3.64
N ALA A 145 -1.98 -16.40 2.61
CA ALA A 145 -2.42 -15.96 1.28
C ALA A 145 -3.94 -15.78 1.22
N ASP A 146 -4.71 -16.46 2.07
CA ASP A 146 -6.16 -16.30 2.06
C ASP A 146 -6.58 -15.10 2.93
N ARG A 147 -5.61 -14.37 3.50
CA ARG A 147 -5.82 -13.02 4.01
C ARG A 147 -6.74 -12.98 5.23
N ASP A 148 -6.69 -14.01 6.07
CA ASP A 148 -7.58 -14.09 7.22
C ASP A 148 -6.78 -13.93 8.50
N GLY A 149 -5.47 -13.69 8.41
CA GLY A 149 -4.64 -13.44 9.58
C GLY A 149 -4.04 -14.70 10.22
N VAL A 150 -4.30 -15.91 9.71
CA VAL A 150 -3.61 -17.07 10.27
C VAL A 150 -2.86 -17.78 9.15
N VAL A 151 -1.68 -18.34 9.39
CA VAL A 151 -0.91 -18.92 8.31
C VAL A 151 -1.39 -20.35 8.00
N GLU A 152 -2.21 -20.51 6.93
CA GLU A 152 -2.71 -21.82 6.54
C GLU A 152 -1.59 -22.68 5.95
N LYS A 153 -1.85 -24.00 5.85
CA LYS A 153 -0.93 -24.96 5.28
C LYS A 153 -0.95 -24.94 3.76
N ASN A 154 0.18 -24.55 3.16
CA ASN A 154 0.48 -24.70 1.74
C ASN A 154 -0.68 -24.24 0.87
N ASN A 155 -1.08 -22.97 1.01
CA ASN A 155 -2.07 -22.41 0.12
C ASN A 155 -1.63 -22.61 -1.33
N PRO A 156 -2.44 -23.24 -2.20
CA PRO A 156 -2.04 -23.43 -3.60
C PRO A 156 -1.69 -22.15 -4.36
N LYS A 157 -2.20 -21.01 -3.89
CA LYS A 157 -2.02 -19.72 -4.58
C LYS A 157 -0.94 -18.86 -3.96
N LYS A 158 -0.17 -19.40 -3.01
CA LYS A 158 0.75 -18.58 -2.25
C LYS A 158 1.87 -17.97 -3.11
N ALA A 159 2.11 -18.50 -4.33
CA ALA A 159 3.19 -17.97 -5.17
C ALA A 159 2.67 -16.97 -6.20
N SER A 160 1.44 -16.50 -6.03
CA SER A 160 0.97 -15.43 -6.90
C SER A 160 0.19 -14.43 -6.06
N TRP A 161 -0.21 -13.32 -6.68
CA TRP A 161 -0.94 -12.31 -5.95
C TRP A 161 -2.04 -11.78 -6.85
N THR A 162 -3.30 -11.94 -6.45
CA THR A 162 -4.39 -11.51 -7.30
C THR A 162 -5.31 -10.59 -6.50
N TRP A 163 -5.83 -9.58 -7.21
CA TRP A 163 -6.67 -8.57 -6.59
C TRP A 163 -8.09 -9.08 -6.48
N GLY A 164 -8.83 -8.51 -5.55
CA GLY A 164 -10.28 -8.61 -5.59
C GLY A 164 -10.82 -9.50 -4.49
N PRO A 165 -12.16 -9.57 -4.38
CA PRO A 165 -12.78 -10.37 -3.32
C PRO A 165 -12.43 -11.85 -3.39
N GLU A 166 -12.21 -12.39 -4.59
CA GLU A 166 -11.78 -13.78 -4.75
C GLU A 166 -10.26 -13.85 -4.93
N GLY A 167 -9.54 -12.75 -4.69
CA GLY A 167 -8.10 -12.73 -4.87
C GLY A 167 -7.40 -13.42 -3.69
N GLN A 168 -6.18 -13.88 -3.95
CA GLN A 168 -5.34 -14.44 -2.90
C GLN A 168 -3.90 -13.96 -3.07
N GLY A 169 -3.20 -13.91 -1.93
CA GLY A 169 -1.84 -13.45 -1.88
C GLY A 169 -1.59 -12.72 -0.57
N ALA A 170 -0.45 -13.03 0.06
CA ALA A 170 -0.10 -12.51 1.36
C ALA A 170 0.28 -11.05 1.27
N ILE A 171 0.03 -10.34 2.37
CA ILE A 171 0.18 -8.88 2.46
C ILE A 171 1.23 -8.57 3.52
N LEU A 172 2.09 -7.60 3.19
CA LEU A 172 3.15 -7.13 4.07
C LEU A 172 2.97 -5.63 4.30
N LEU A 173 3.10 -5.18 5.55
CA LEU A 173 3.16 -3.74 5.85
C LEU A 173 4.59 -3.25 5.75
N VAL A 174 4.77 -2.01 5.29
CA VAL A 174 6.01 -1.28 5.52
C VAL A 174 6.10 -0.97 7.04
N ASN A 175 7.18 -1.40 7.67
CA ASN A 175 7.34 -1.24 9.12
C ASN A 175 7.90 0.15 9.34
N CYS A 176 7.06 1.17 9.08
CA CYS A 176 7.56 2.53 9.03
C CYS A 176 7.20 3.32 10.29
N ASP A 177 6.71 2.64 11.34
CA ASP A 177 6.44 3.32 12.60
C ASP A 177 7.68 3.17 13.48
N ARG A 178 7.56 3.40 14.79
CA ARG A 178 8.72 3.34 15.68
C ARG A 178 8.35 2.81 17.06
N GLU A 179 9.04 1.72 17.44
CA GLU A 179 8.78 0.99 18.68
C GLU A 179 9.64 1.53 19.81
N THR A 180 10.71 2.25 19.46
CA THR A 180 11.72 2.64 20.42
C THR A 180 12.10 4.11 20.17
N PRO A 181 11.65 5.05 21.03
CA PRO A 181 11.98 6.47 20.87
C PRO A 181 13.48 6.75 21.01
N TRP A 182 14.24 5.78 21.56
CA TRP A 182 15.69 5.79 21.52
C TRP A 182 16.19 5.95 20.09
N LEU A 183 15.57 5.23 19.13
CA LEU A 183 16.01 5.26 17.74
C LEU A 183 15.63 6.58 17.06
N PRO A 184 16.55 7.22 16.30
CA PRO A 184 16.21 8.40 15.50
C PRO A 184 15.36 8.14 14.25
N LYS A 185 15.32 6.88 13.78
CA LYS A 185 14.68 6.53 12.51
C LYS A 185 13.49 5.61 12.77
N GLU A 186 12.73 5.29 11.71
CA GLU A 186 11.65 4.32 11.80
C GLU A 186 12.23 2.90 11.74
N ASP A 187 11.43 1.92 12.18
CA ASP A 187 11.92 0.58 12.47
C ASP A 187 12.53 -0.10 11.24
N CYS A 188 11.94 0.04 10.06
CA CYS A 188 12.46 -0.65 8.89
C CYS A 188 13.77 -0.02 8.40
N ARG A 189 14.24 1.06 9.04
CA ARG A 189 15.47 1.71 8.60
C ARG A 189 16.72 0.95 9.07
N ASP A 190 16.54 -0.05 9.94
CA ASP A 190 17.65 -0.87 10.42
C ASP A 190 17.42 -2.34 10.05
N GLU A 191 18.38 -3.20 10.44
CA GLU A 191 18.29 -4.64 10.32
C GLU A 191 18.15 -5.27 11.71
N LYS A 192 17.45 -4.57 12.61
CA LYS A 192 17.32 -4.95 14.01
C LYS A 192 15.84 -4.93 14.41
N VAL A 193 15.45 -5.81 15.34
CA VAL A 193 14.17 -5.71 16.02
C VAL A 193 14.46 -5.68 17.51
N TYR A 194 13.99 -4.62 18.19
CA TYR A 194 14.29 -4.41 19.60
C TYR A 194 13.17 -4.93 20.48
N SER A 195 11.92 -4.75 20.01
CA SER A 195 10.78 -5.04 20.85
C SER A 195 9.92 -6.11 20.21
N LYS A 196 9.35 -6.97 21.07
CA LYS A 196 8.36 -7.96 20.69
C LYS A 196 7.15 -7.27 20.05
N GLU A 197 6.87 -6.03 20.44
CA GLU A 197 5.71 -5.30 19.93
C GLU A 197 5.86 -5.08 18.42
N ASP A 198 7.12 -4.87 17.98
CA ASP A 198 7.46 -4.70 16.57
C ASP A 198 6.97 -5.87 15.72
N LEU A 199 6.99 -7.09 16.26
CA LEU A 199 6.62 -8.26 15.49
C LEU A 199 5.15 -8.21 15.12
N LYS A 200 4.36 -7.33 15.75
CA LYS A 200 2.96 -7.23 15.38
C LYS A 200 2.79 -6.46 14.08
N ASP A 201 3.79 -5.67 13.70
CA ASP A 201 3.76 -4.97 12.42
C ASP A 201 4.22 -5.88 11.29
N MET A 202 4.74 -7.08 11.63
CA MET A 202 5.38 -7.93 10.64
C MET A 202 4.43 -9.07 10.26
N SER A 203 4.69 -9.70 9.12
CA SER A 203 3.87 -10.81 8.65
C SER A 203 4.59 -12.12 8.96
N GLN A 204 3.83 -13.11 9.38
CA GLN A 204 4.38 -14.42 9.70
C GLN A 204 4.54 -15.24 8.44
N MET A 205 5.65 -15.96 8.42
CA MET A 205 6.00 -16.87 7.36
C MET A 205 6.58 -18.10 8.06
N ILE A 206 6.04 -19.29 7.78
CA ILE A 206 6.40 -20.49 8.52
C ILE A 206 6.93 -21.54 7.57
N LEU A 207 8.12 -22.06 7.86
CA LEU A 207 8.65 -23.20 7.13
C LEU A 207 8.28 -24.48 7.91
N ARG A 208 7.36 -25.23 7.35
CA ARG A 208 6.82 -26.43 7.94
C ARG A 208 7.50 -27.62 7.27
N THR A 209 8.05 -28.51 8.09
CA THR A 209 8.71 -29.71 7.63
C THR A 209 8.19 -30.90 8.43
N LYS A 210 8.30 -32.06 7.79
CA LYS A 210 8.02 -33.34 8.42
C LYS A 210 9.01 -34.34 7.85
N GLY A 211 9.62 -35.15 8.70
CA GLY A 211 10.57 -36.15 8.26
C GLY A 211 11.34 -36.74 9.44
N PRO A 212 12.42 -37.49 9.18
CA PRO A 212 13.20 -38.13 10.25
C PRO A 212 13.96 -37.13 11.12
N ASP A 213 14.75 -37.67 12.05
CA ASP A 213 15.53 -36.91 13.02
C ASP A 213 16.49 -35.96 12.32
N ARG A 214 17.16 -36.46 11.26
CA ARG A 214 18.09 -35.66 10.46
C ARG A 214 17.75 -35.81 8.98
N LEU A 215 18.16 -34.81 8.17
CA LEU A 215 18.20 -34.98 6.72
C LEU A 215 19.24 -36.07 6.42
N PRO A 216 19.07 -36.90 5.37
CA PRO A 216 20.14 -37.83 4.97
C PRO A 216 21.43 -37.07 4.64
N ALA A 217 22.55 -37.77 4.65
CA ALA A 217 23.82 -37.14 4.33
C ALA A 217 23.78 -36.38 2.99
N GLY A 218 24.37 -35.18 2.96
CA GLY A 218 24.59 -34.46 1.73
C GLY A 218 23.47 -33.47 1.35
N TYR A 219 22.55 -33.16 2.27
CA TYR A 219 21.45 -32.24 1.96
C TYR A 219 21.42 -31.05 2.91
N GLU A 220 21.01 -29.86 2.43
CA GLU A 220 20.73 -28.76 3.33
C GLU A 220 19.62 -27.90 2.74
N ILE A 221 18.98 -27.13 3.61
CA ILE A 221 17.86 -26.28 3.25
C ILE A 221 18.30 -24.83 3.36
N VAL A 222 18.01 -24.02 2.30
CA VAL A 222 18.43 -22.63 2.26
C VAL A 222 17.21 -21.76 1.98
N LEU A 223 17.22 -20.53 2.52
CA LEU A 223 16.20 -19.52 2.21
C LEU A 223 16.91 -18.39 1.48
N TYR A 224 16.26 -17.76 0.49
CA TYR A 224 16.96 -16.74 -0.28
C TYR A 224 15.99 -15.77 -0.92
N ILE A 225 16.56 -14.60 -1.23
CA ILE A 225 15.86 -13.51 -1.90
C ILE A 225 16.76 -12.96 -3.00
N SER A 226 16.18 -12.17 -3.90
CA SER A 226 16.95 -11.47 -4.91
C SER A 226 17.61 -10.25 -4.29
N MET A 227 18.70 -9.85 -4.95
CA MET A 227 19.35 -8.58 -4.63
C MET A 227 18.36 -7.42 -4.75
N SER A 228 17.51 -7.41 -5.78
CA SER A 228 16.54 -6.33 -5.94
C SER A 228 15.58 -6.24 -4.75
N ASP A 229 15.18 -7.39 -4.17
CA ASP A 229 14.23 -7.41 -3.07
C ASP A 229 14.93 -7.17 -1.73
N SER A 230 16.26 -7.10 -1.70
CA SER A 230 17.00 -6.99 -0.45
C SER A 230 16.86 -5.61 0.20
N ASP A 231 16.41 -4.59 -0.53
CA ASP A 231 16.13 -3.32 0.13
C ASP A 231 14.62 -3.08 0.25
N LYS A 232 13.82 -4.14 0.06
CA LYS A 232 12.36 -4.08 0.13
C LYS A 232 11.82 -4.88 1.32
N VAL A 233 12.59 -5.89 1.78
CA VAL A 233 12.15 -6.80 2.84
C VAL A 233 13.28 -7.00 3.85
N GLY A 234 12.87 -7.34 5.08
CA GLY A 234 13.73 -8.00 6.06
C GLY A 234 13.02 -9.23 6.62
N VAL A 235 13.78 -10.28 6.88
CA VAL A 235 13.26 -11.51 7.46
C VAL A 235 14.01 -11.78 8.77
N PHE A 236 13.23 -12.06 9.83
CA PHE A 236 13.76 -12.34 11.17
C PHE A 236 13.34 -13.73 11.63
N TYR A 237 14.25 -14.43 12.33
CA TYR A 237 13.88 -15.71 12.92
C TYR A 237 13.69 -15.56 14.45
N GLY A 244 17.95 -19.08 24.10
CA GLY A 244 17.56 -17.81 23.45
C GLY A 244 16.07 -17.76 23.17
N GLN A 245 15.72 -17.02 22.10
CA GLN A 245 14.40 -16.45 21.87
C GLN A 245 14.54 -14.94 21.70
N ARG A 246 15.34 -14.55 20.69
CA ARG A 246 15.61 -13.16 20.32
C ARG A 246 15.24 -12.98 18.83
N TYR A 247 15.87 -12.02 18.13
CA TYR A 247 15.42 -11.63 16.80
C TYR A 247 16.59 -11.56 15.83
N ILE A 248 16.80 -12.61 15.04
CA ILE A 248 17.98 -12.62 14.20
C ILE A 248 17.56 -12.24 12.77
N HIS A 249 18.25 -11.25 12.20
CA HIS A 249 18.09 -10.81 10.81
C HIS A 249 18.83 -11.78 9.88
N ILE A 250 18.06 -12.51 9.06
CA ILE A 250 18.66 -13.55 8.24
C ILE A 250 18.63 -13.22 6.75
N LEU A 251 17.66 -12.39 6.30
CA LEU A 251 17.55 -11.96 4.92
C LEU A 251 17.14 -10.50 4.84
N GLY A 252 17.71 -9.82 3.87
CA GLY A 252 17.41 -8.43 3.64
C GLY A 252 18.67 -7.70 3.22
N ARG A 253 18.80 -6.44 3.62
CA ARG A 253 19.94 -5.63 3.21
C ARG A 253 21.22 -6.44 3.47
N ARG A 254 21.97 -6.68 2.39
CA ARG A 254 23.27 -7.36 2.40
C ARG A 254 23.17 -8.82 2.85
N LYS A 255 21.97 -9.45 2.82
CA LYS A 255 21.80 -10.84 3.21
C LYS A 255 20.81 -11.52 2.25
N LEU A 256 21.33 -12.28 1.29
CA LEU A 256 20.49 -12.80 0.21
C LEU A 256 20.25 -14.29 0.37
N TYR A 257 21.00 -14.95 1.25
CA TYR A 257 21.07 -16.41 1.33
C TYR A 257 21.28 -16.83 2.78
N HIS A 258 20.49 -17.77 3.27
CA HIS A 258 20.60 -18.23 4.64
C HIS A 258 20.44 -19.74 4.67
N VAL A 259 21.43 -20.44 5.29
CA VAL A 259 21.31 -21.87 5.56
C VAL A 259 20.46 -22.10 6.81
N VAL A 260 19.43 -22.93 6.66
CA VAL A 260 18.41 -23.23 7.65
C VAL A 260 18.85 -24.48 8.40
N LYS A 261 18.61 -24.50 9.71
CA LYS A 261 18.90 -25.67 10.54
C LYS A 261 17.65 -26.53 10.58
N TYR A 262 17.73 -27.74 10.00
CA TYR A 262 16.63 -28.70 10.01
C TYR A 262 16.39 -29.23 11.43
N THR A 263 15.11 -29.24 11.84
CA THR A 263 14.61 -29.97 13.00
C THR A 263 13.79 -31.13 12.47
N GLY A 264 14.04 -32.32 12.99
CA GLY A 264 13.39 -33.53 12.52
C GLY A 264 12.03 -33.70 13.18
N GLY A 265 11.35 -34.77 12.82
CA GLY A 265 9.96 -34.94 13.20
C GLY A 265 9.11 -33.90 12.49
N SER A 266 8.02 -33.50 13.13
CA SER A 266 7.12 -32.51 12.57
C SER A 266 7.46 -31.16 13.18
N ALA A 267 7.97 -30.21 12.38
CA ALA A 267 8.55 -28.99 12.92
C ALA A 267 7.99 -27.79 12.17
N GLU A 268 8.05 -26.64 12.85
CA GLU A 268 7.66 -25.35 12.32
C GLU A 268 8.76 -24.35 12.65
N LEU A 269 9.28 -23.65 11.64
CA LEU A 269 10.25 -22.60 11.90
C LEU A 269 9.53 -21.28 11.56
N LEU A 270 9.42 -20.40 12.56
CA LEU A 270 8.60 -19.20 12.46
C LEU A 270 9.49 -18.02 12.11
N PHE A 271 9.14 -17.34 11.00
CA PHE A 271 9.86 -16.14 10.57
C PHE A 271 8.94 -14.93 10.62
N PHE A 272 9.54 -13.76 10.82
CA PHE A 272 8.80 -12.50 10.73
C PHE A 272 9.35 -11.73 9.55
N VAL A 273 8.45 -11.24 8.69
CA VAL A 273 8.88 -10.50 7.51
C VAL A 273 8.43 -9.05 7.67
N GLU A 274 9.31 -8.09 7.39
CA GLU A 274 8.91 -6.68 7.35
C GLU A 274 9.17 -6.10 5.97
N GLY A 275 8.28 -5.20 5.53
CA GLY A 275 8.50 -4.37 4.35
C GLY A 275 9.30 -3.13 4.71
N LEU A 276 10.15 -2.71 3.78
CA LEU A 276 11.06 -1.62 4.04
C LEU A 276 10.75 -0.42 3.16
N CYS A 277 9.92 -0.65 2.13
CA CYS A 277 9.77 0.27 1.02
CA CYS A 277 9.75 0.25 0.99
C CYS A 277 8.33 0.23 0.50
N PHE A 278 7.71 1.41 0.29
CA PHE A 278 6.42 1.45 -0.39
C PHE A 278 6.63 1.19 -1.86
N PRO A 279 5.56 0.73 -2.56
CA PRO A 279 5.57 0.70 -4.03
C PRO A 279 5.93 2.09 -4.56
N ASP A 280 6.70 2.12 -5.64
CA ASP A 280 7.10 3.37 -6.27
C ASP A 280 7.35 3.12 -7.75
N GLU A 281 7.77 4.18 -8.45
CA GLU A 281 8.27 4.06 -9.80
C GLU A 281 9.37 2.99 -9.82
N GLY A 282 9.19 1.93 -10.61
CA GLY A 282 10.19 0.87 -10.68
C GLY A 282 10.14 -0.15 -9.52
N PHE A 283 9.09 -0.10 -8.68
CA PHE A 283 8.83 -1.18 -7.72
C PHE A 283 7.33 -1.43 -7.60
N SER A 284 6.88 -2.60 -8.07
CA SER A 284 5.46 -2.95 -8.17
C SER A 284 4.83 -3.14 -6.80
N GLY A 285 5.63 -3.50 -5.80
CA GLY A 285 5.10 -3.79 -4.47
C GLY A 285 5.19 -5.29 -4.17
N LEU A 286 5.50 -6.10 -5.17
CA LEU A 286 5.60 -7.54 -5.02
C LEU A 286 7.03 -7.94 -4.65
N VAL A 287 7.18 -8.84 -3.64
CA VAL A 287 8.47 -9.40 -3.27
C VAL A 287 8.30 -10.92 -3.11
N SER A 288 9.41 -11.66 -3.31
CA SER A 288 9.39 -13.11 -3.26
C SER A 288 10.44 -13.62 -2.26
N ILE A 289 10.08 -14.70 -1.57
CA ILE A 289 11.02 -15.45 -0.74
C ILE A 289 10.93 -16.93 -1.14
N HIS A 290 12.12 -17.56 -1.19
CA HIS A 290 12.28 -18.91 -1.70
C HIS A 290 12.96 -19.77 -0.64
N VAL A 291 12.57 -21.03 -0.63
CA VAL A 291 13.31 -22.09 0.03
C VAL A 291 13.68 -23.15 -1.00
N SER A 292 14.89 -23.73 -0.88
CA SER A 292 15.32 -24.84 -1.71
CA SER A 292 15.28 -24.85 -1.71
C SER A 292 15.98 -25.90 -0.85
N LEU A 293 15.76 -27.16 -1.22
CA LEU A 293 16.51 -28.27 -0.68
C LEU A 293 17.64 -28.52 -1.66
N LEU A 294 18.88 -28.47 -1.16
CA LEU A 294 20.09 -28.61 -1.96
C LEU A 294 20.76 -29.95 -1.66
N GLU A 295 21.29 -30.55 -2.73
CA GLU A 295 22.09 -31.77 -2.65
C GLU A 295 23.56 -31.48 -2.95
N TYR A 296 24.43 -31.91 -2.04
CA TYR A 296 25.87 -31.77 -2.18
C TYR A 296 26.36 -32.81 -3.19
N MET A 297 27.22 -32.40 -4.12
CA MET A 297 27.68 -33.29 -5.18
C MET A 297 29.17 -33.54 -4.96
N ALA A 298 29.94 -32.46 -4.95
CA ALA A 298 31.36 -32.56 -4.64
C ALA A 298 31.82 -31.16 -4.24
N GLN A 299 32.98 -31.09 -3.60
CA GLN A 299 33.65 -29.81 -3.44
C GLN A 299 33.99 -29.27 -4.83
N ASP A 300 33.90 -27.94 -4.96
CA ASP A 300 34.22 -27.23 -6.19
C ASP A 300 33.08 -27.35 -7.21
N ILE A 301 31.98 -28.02 -6.86
CA ILE A 301 30.86 -28.12 -7.77
C ILE A 301 29.62 -27.53 -7.10
N PRO A 302 28.76 -26.78 -7.80
CA PRO A 302 27.53 -26.26 -7.17
C PRO A 302 26.67 -27.35 -6.56
N LEU A 303 25.90 -26.98 -5.53
CA LEU A 303 24.85 -27.84 -5.03
C LEU A 303 23.71 -27.87 -6.02
N THR A 304 23.01 -29.01 -6.05
CA THR A 304 21.88 -29.16 -6.95
C THR A 304 20.62 -28.80 -6.22
N PRO A 305 19.83 -27.81 -6.69
CA PRO A 305 18.55 -27.46 -6.04
C PRO A 305 17.53 -28.51 -6.48
N ILE A 306 17.22 -29.49 -5.64
CA ILE A 306 16.34 -30.58 -6.05
C ILE A 306 14.87 -30.26 -5.76
N PHE A 307 14.59 -29.22 -4.99
CA PHE A 307 13.22 -28.79 -4.71
C PHE A 307 13.25 -27.32 -4.37
N THR A 308 12.27 -26.55 -4.86
CA THR A 308 12.15 -25.13 -4.52
C THR A 308 10.68 -24.84 -4.21
N ASP A 309 10.43 -23.95 -3.24
CA ASP A 309 9.08 -23.47 -2.98
C ASP A 309 9.20 -21.95 -2.79
N THR A 310 8.17 -21.23 -3.22
CA THR A 310 8.17 -19.78 -3.28
C THR A 310 6.89 -19.22 -2.65
N VAL A 311 7.02 -18.08 -1.97
CA VAL A 311 5.87 -17.32 -1.51
C VAL A 311 6.06 -15.90 -2.03
N ILE A 312 4.93 -15.21 -2.20
CA ILE A 312 4.90 -13.83 -2.70
C ILE A 312 4.22 -12.98 -1.61
N PHE A 313 4.77 -11.79 -1.35
CA PHE A 313 4.07 -10.77 -0.58
C PHE A 313 3.80 -9.56 -1.48
N ARG A 314 2.65 -8.90 -1.29
CA ARG A 314 2.46 -7.54 -1.76
C ARG A 314 2.56 -6.57 -0.59
N ILE A 315 3.41 -5.55 -0.74
CA ILE A 315 3.52 -4.45 0.20
C ILE A 315 2.29 -3.54 0.07
N ALA A 316 1.66 -3.33 1.23
CA ALA A 316 0.40 -2.60 1.35
C ALA A 316 0.65 -1.15 0.94
N PRO A 317 -0.23 -0.56 0.10
CA PRO A 317 -0.08 0.83 -0.33
C PRO A 317 -0.46 1.85 0.73
N TRP A 318 0.09 3.05 0.56
CA TRP A 318 -0.34 4.21 1.31
C TRP A 318 -1.69 4.70 0.78
N ILE A 319 -2.64 4.90 1.69
CA ILE A 319 -4.00 5.28 1.33
C ILE A 319 -4.35 6.59 2.04
N MET A 320 -4.89 7.56 1.30
CA MET A 320 -5.23 8.86 1.87
C MET A 320 -6.68 8.84 2.30
N THR A 321 -7.02 9.61 3.33
CA THR A 321 -8.35 9.59 3.90
C THR A 321 -9.14 10.82 3.46
N PRO A 322 -10.26 10.68 2.70
CA PRO A 322 -11.13 11.82 2.35
C PRO A 322 -11.94 12.36 3.52
N ASN A 323 -12.50 13.56 3.30
CA ASN A 323 -13.19 14.31 4.35
C ASN A 323 -14.50 13.70 4.78
N ILE A 324 -15.01 12.69 4.08
CA ILE A 324 -16.22 12.02 4.52
C ILE A 324 -15.92 10.99 5.60
N LEU A 325 -14.66 10.59 5.79
CA LEU A 325 -14.35 9.57 6.80
C LEU A 325 -14.37 10.20 8.19
N PRO A 326 -14.83 9.46 9.23
CA PRO A 326 -14.91 9.99 10.59
C PRO A 326 -13.60 10.51 11.17
N PRO A 327 -13.65 11.74 11.75
CA PRO A 327 -12.48 12.37 12.36
C PRO A 327 -12.19 11.77 13.72
N VAL A 328 -10.89 11.57 14.00
CA VAL A 328 -10.46 11.08 15.30
C VAL A 328 -9.70 12.17 16.05
N SER A 329 -8.74 12.79 15.37
CA SER A 329 -7.81 13.74 15.96
C SER A 329 -7.61 14.90 14.99
N VAL A 330 -7.58 16.13 15.53
CA VAL A 330 -7.34 17.36 14.78
C VAL A 330 -6.00 17.90 15.26
N PHE A 331 -5.06 18.00 14.32
CA PHE A 331 -3.74 18.55 14.55
C PHE A 331 -3.68 19.96 14.00
N VAL A 332 -3.19 20.88 14.83
CA VAL A 332 -3.14 22.29 14.54
C VAL A 332 -1.74 22.81 14.85
N CYS A 333 -1.21 23.67 13.94
CA CYS A 333 -0.03 24.48 14.21
CA CYS A 333 -0.02 24.47 14.18
C CYS A 333 -0.35 25.95 14.05
N CYS A 334 0.19 26.76 14.97
CA CYS A 334 -0.02 28.20 15.00
C CYS A 334 0.98 28.81 16.00
N MET A 335 1.05 30.15 16.03
CA MET A 335 1.90 30.80 17.01
C MET A 335 1.11 30.85 18.33
N LYS A 336 1.86 30.88 19.43
CA LYS A 336 1.35 30.66 20.77
C LYS A 336 0.28 31.69 21.14
N ASP A 337 0.42 32.91 20.62
CA ASP A 337 -0.52 33.98 20.97
C ASP A 337 -1.61 34.15 19.90
N ASN A 338 -1.89 33.12 19.10
CA ASN A 338 -3.04 33.17 18.21
C ASN A 338 -4.25 32.64 18.99
N TYR A 339 -4.72 33.45 19.94
CA TYR A 339 -5.66 33.03 20.95
C TYR A 339 -7.03 32.77 20.35
N LEU A 340 -7.51 33.65 19.44
CA LEU A 340 -8.83 33.47 18.88
C LEU A 340 -8.88 32.18 18.06
N PHE A 341 -7.80 31.94 17.31
CA PHE A 341 -7.70 30.74 16.49
C PHE A 341 -7.84 29.51 17.39
N LEU A 342 -7.01 29.45 18.44
CA LEU A 342 -7.01 28.31 19.35
C LEU A 342 -8.36 28.13 20.04
N LYS A 343 -8.92 29.24 20.54
CA LYS A 343 -10.21 29.28 21.22
C LYS A 343 -11.30 28.72 20.30
N GLU A 344 -11.34 29.21 19.05
CA GLU A 344 -12.41 28.88 18.12
C GLU A 344 -12.22 27.46 17.58
N VAL A 345 -10.98 27.00 17.42
CA VAL A 345 -10.73 25.63 16.99
C VAL A 345 -11.08 24.66 18.13
N LYS A 346 -10.67 25.02 19.35
CA LYS A 346 -10.96 24.20 20.52
C LYS A 346 -12.48 24.01 20.64
N ASN A 347 -13.20 25.14 20.59
CA ASN A 347 -14.65 25.21 20.58
C ASN A 347 -15.22 24.33 19.47
N LEU A 348 -14.72 24.45 18.24
CA LEU A 348 -15.25 23.66 17.14
C LEU A 348 -15.11 22.17 17.46
N VAL A 349 -13.89 21.77 17.84
CA VAL A 349 -13.59 20.38 18.12
C VAL A 349 -14.44 19.86 19.29
N GLU A 350 -14.77 20.74 20.26
CA GLU A 350 -15.61 20.34 21.40
C GLU A 350 -17.01 19.95 20.96
N LYS A 351 -17.57 20.57 19.90
CA LYS A 351 -18.83 20.12 19.34
C LYS A 351 -18.73 18.71 18.76
N THR A 352 -17.53 18.13 18.74
CA THR A 352 -17.34 16.78 18.20
C THR A 352 -16.74 15.91 19.29
N ASN A 353 -16.44 14.65 18.97
CA ASN A 353 -15.73 13.81 19.93
C ASN A 353 -14.27 13.67 19.55
N CYS A 354 -13.73 14.61 18.77
CA CYS A 354 -12.34 14.52 18.34
C CYS A 354 -11.43 15.01 19.45
N GLU A 355 -10.18 14.60 19.42
CA GLU A 355 -9.20 15.20 20.28
C GLU A 355 -8.45 16.26 19.47
N LEU A 356 -7.93 17.27 20.18
CA LEU A 356 -7.18 18.35 19.61
C LEU A 356 -5.73 18.23 20.03
N LYS A 357 -4.80 18.28 19.07
CA LYS A 357 -3.38 18.31 19.35
C LYS A 357 -2.80 19.58 18.73
N VAL A 358 -2.08 20.35 19.55
CA VAL A 358 -1.57 21.66 19.17
C VAL A 358 -0.05 21.60 19.16
N CYS A 359 0.55 22.20 18.13
CA CYS A 359 1.98 22.41 18.05
C CYS A 359 2.25 23.89 17.77
N PHE A 360 3.12 24.52 18.58
CA PHE A 360 3.35 25.95 18.45
C PHE A 360 4.59 26.24 17.60
N ASP A 367 4.96 27.64 9.58
CA ASP A 367 3.66 28.32 9.83
C ASP A 367 2.53 27.31 9.75
N ARG A 368 2.50 26.62 8.60
CA ARG A 368 1.39 25.77 8.22
C ARG A 368 1.91 24.43 7.74
N TRP A 369 2.97 23.92 8.40
CA TRP A 369 3.63 22.69 8.00
C TRP A 369 2.70 21.47 8.19
N ILE A 370 1.77 21.49 9.16
CA ILE A 370 0.94 20.32 9.46
C ILE A 370 -0.04 20.05 8.31
N GLN A 371 -0.25 21.08 7.47
CA GLN A 371 -1.13 20.99 6.32
C GLN A 371 -0.33 20.93 5.01
N ASP A 372 0.71 21.78 4.92
CA ASP A 372 1.36 22.11 3.65
C ASP A 372 2.61 21.26 3.42
N GLU A 373 3.14 20.59 4.43
CA GLU A 373 4.30 19.70 4.24
C GLU A 373 3.87 18.23 4.23
N ILE A 374 2.73 17.95 4.86
CA ILE A 374 2.41 16.64 5.40
C ILE A 374 1.00 16.23 4.96
N GLU A 375 0.85 14.95 4.60
CA GLU A 375 -0.44 14.36 4.36
C GLU A 375 -0.66 13.12 5.24
N PHE A 376 -1.88 12.98 5.75
CA PHE A 376 -2.27 11.87 6.59
C PHE A 376 -2.93 10.78 5.75
N GLY A 377 -2.48 9.55 5.97
CA GLY A 377 -3.12 8.39 5.39
C GLY A 377 -2.95 7.18 6.29
N TYR A 378 -3.11 5.99 5.72
CA TYR A 378 -2.97 4.78 6.50
C TYR A 378 -2.51 3.62 5.62
N ILE A 379 -2.10 2.55 6.31
CA ILE A 379 -1.80 1.28 5.68
C ILE A 379 -2.57 0.21 6.45
N GLU A 380 -2.90 -0.87 5.75
CA GLU A 380 -3.68 -1.95 6.32
C GLU A 380 -3.25 -3.30 5.73
N ALA A 381 -3.15 -4.29 6.64
CA ALA A 381 -3.13 -5.70 6.29
C ALA A 381 -4.21 -6.42 7.09
N PRO A 382 -4.53 -7.72 6.83
CA PRO A 382 -5.51 -8.46 7.65
C PRO A 382 -5.25 -8.36 9.16
N HIS A 383 -6.26 -7.83 9.85
CA HIS A 383 -6.29 -7.58 11.28
C HIS A 383 -5.15 -6.68 11.78
N LYS A 384 -4.65 -5.76 10.94
CA LYS A 384 -3.47 -4.98 11.27
C LYS A 384 -3.43 -3.70 10.42
N GLY A 385 -2.98 -2.58 10.98
CA GLY A 385 -2.91 -1.34 10.22
C GLY A 385 -2.68 -0.17 11.17
N PHE A 386 -2.16 0.92 10.64
CA PHE A 386 -1.97 2.11 11.43
C PHE A 386 -1.89 3.33 10.51
N PRO A 387 -2.07 4.53 11.09
CA PRO A 387 -1.91 5.77 10.35
C PRO A 387 -0.47 5.98 9.93
N VAL A 388 -0.32 6.64 8.78
CA VAL A 388 0.98 6.88 8.18
C VAL A 388 0.98 8.26 7.54
N VAL A 389 2.00 9.04 7.88
CA VAL A 389 2.22 10.39 7.39
C VAL A 389 3.22 10.36 6.25
N LEU A 390 2.88 11.07 5.16
CA LEU A 390 3.82 11.39 4.07
C LEU A 390 4.32 12.82 4.17
N ASP A 391 5.65 13.00 4.14
CA ASP A 391 6.31 14.30 4.32
C ASP A 391 7.00 14.68 3.01
N SER A 392 6.79 15.93 2.56
CA SER A 392 7.66 16.56 1.57
C SER A 392 8.67 17.40 2.33
N PRO A 393 9.95 16.95 2.39
CA PRO A 393 10.87 17.21 3.49
C PRO A 393 10.44 18.25 4.55
N GLU A 405 8.79 12.96 14.17
CA GLU A 405 7.96 14.14 14.55
C GLU A 405 6.66 13.65 15.17
N LEU A 406 5.78 13.08 14.33
CA LEU A 406 4.64 12.30 14.80
C LEU A 406 5.02 10.82 14.84
N LEU A 407 6.25 10.50 14.38
CA LEU A 407 6.74 9.13 14.29
C LEU A 407 6.87 8.55 15.69
N GLY A 408 6.01 7.57 16.01
CA GLY A 408 6.15 6.82 17.23
C GLY A 408 5.57 5.42 17.04
N PRO A 409 5.04 4.77 18.11
CA PRO A 409 4.32 3.50 17.92
C PRO A 409 2.99 3.72 17.21
N ASP A 410 2.63 2.81 16.29
CA ASP A 410 1.42 2.85 15.47
C ASP A 410 1.20 4.24 14.84
N PHE A 411 2.28 4.93 14.46
CA PHE A 411 2.17 6.12 13.64
C PHE A 411 3.42 6.25 12.78
N GLY A 412 3.30 5.89 11.50
CA GLY A 412 4.46 5.81 10.63
C GLY A 412 4.72 7.08 9.84
N TYR A 413 5.92 7.11 9.21
CA TYR A 413 6.40 8.12 8.28
C TYR A 413 6.92 7.51 6.97
N VAL A 414 6.37 7.96 5.83
CA VAL A 414 7.03 7.86 4.52
C VAL A 414 8.19 6.86 4.60
N THR A 424 12.47 20.57 -7.61
CA THR A 424 12.45 20.21 -9.05
C THR A 424 11.13 19.49 -9.41
N SER A 425 10.55 18.71 -8.48
CA SER A 425 9.28 18.06 -8.72
C SER A 425 8.19 19.10 -8.99
N LEU A 426 7.30 18.79 -9.94
CA LEU A 426 6.19 19.64 -10.33
C LEU A 426 5.01 19.44 -9.35
N ASP A 427 5.20 18.56 -8.35
CA ASP A 427 4.17 18.19 -7.39
C ASP A 427 4.80 18.02 -5.99
N SER A 428 3.95 17.84 -4.94
CA SER A 428 4.41 17.76 -3.55
C SER A 428 3.43 16.96 -2.69
N PHE A 429 3.92 16.26 -1.66
CA PHE A 429 3.05 15.47 -0.81
C PHE A 429 2.14 16.37 0.03
N GLY A 430 2.56 17.63 0.19
CA GLY A 430 1.74 18.60 0.89
C GLY A 430 0.76 19.32 -0.02
N ASN A 431 0.69 18.94 -1.31
CA ASN A 431 -0.26 19.54 -2.24
C ASN A 431 -1.21 18.48 -2.82
N LEU A 432 -2.00 17.85 -1.93
CA LEU A 432 -2.88 16.75 -2.30
C LEU A 432 -4.29 16.94 -1.72
N GLU A 433 -5.28 16.38 -2.43
CA GLU A 433 -6.63 16.18 -1.91
C GLU A 433 -7.08 14.78 -2.36
N VAL A 434 -8.15 14.26 -1.77
CA VAL A 434 -8.68 12.95 -2.20
C VAL A 434 -10.20 12.98 -2.18
N SER A 435 -10.80 12.44 -3.23
CA SER A 435 -12.24 12.40 -3.33
C SER A 435 -12.78 11.31 -2.42
N PRO A 436 -14.04 11.43 -2.02
CA PRO A 436 -14.79 10.29 -1.52
C PRO A 436 -14.89 9.23 -2.62
N PRO A 437 -15.37 8.02 -2.27
CA PRO A 437 -15.64 6.97 -3.27
C PRO A 437 -16.55 7.50 -4.38
N VAL A 438 -16.16 7.18 -5.62
CA VAL A 438 -16.89 7.59 -6.80
C VAL A 438 -17.00 6.41 -7.80
N THR A 439 -18.00 6.52 -8.67
CA THR A 439 -18.16 5.64 -9.82
C THR A 439 -18.13 6.51 -11.07
N VAL A 440 -17.21 6.20 -11.97
CA VAL A 440 -16.95 7.02 -13.12
C VAL A 440 -17.10 6.13 -14.35
N ASN A 441 -18.08 6.45 -15.20
CA ASN A 441 -18.41 5.70 -16.41
C ASN A 441 -18.30 4.21 -16.13
N GLY A 442 -19.04 3.75 -15.14
CA GLY A 442 -19.13 2.32 -14.85
C GLY A 442 -18.04 1.82 -13.93
N LYS A 443 -16.89 2.52 -13.83
CA LYS A 443 -15.80 2.01 -13.01
C LYS A 443 -15.89 2.57 -11.60
N THR A 444 -15.85 1.67 -10.61
CA THR A 444 -15.95 2.04 -9.21
C THR A 444 -14.55 2.30 -8.63
N TYR A 445 -14.48 3.37 -7.85
CA TYR A 445 -13.25 3.73 -7.14
C TYR A 445 -13.57 3.78 -5.66
N PRO A 446 -13.49 2.64 -4.95
CA PRO A 446 -14.05 2.54 -3.61
C PRO A 446 -13.28 3.26 -2.50
N LEU A 447 -12.05 3.69 -2.78
CA LEU A 447 -11.24 4.49 -1.84
C LEU A 447 -11.11 5.94 -2.32
N GLY A 448 -11.90 6.34 -3.33
CA GLY A 448 -11.81 7.66 -3.94
C GLY A 448 -10.60 7.76 -4.85
N ARG A 449 -10.37 8.96 -5.38
CA ARG A 449 -9.23 9.23 -6.24
C ARG A 449 -8.48 10.43 -5.68
N ILE A 450 -7.15 10.37 -5.72
CA ILE A 450 -6.34 11.48 -5.24
C ILE A 450 -6.22 12.54 -6.33
N LEU A 451 -6.27 13.83 -5.91
CA LEU A 451 -6.03 14.98 -6.76
C LEU A 451 -4.66 15.55 -6.39
N ILE A 452 -3.80 15.62 -7.40
CA ILE A 452 -2.46 16.12 -7.26
C ILE A 452 -2.39 17.51 -7.85
N GLY A 453 -2.03 18.49 -7.03
CA GLY A 453 -1.79 19.81 -7.56
C GLY A 453 -0.41 19.86 -8.23
N SER A 454 -0.38 20.39 -9.44
CA SER A 454 0.79 20.35 -10.27
C SER A 454 1.03 21.71 -10.92
N SER A 455 2.31 22.05 -11.19
CA SER A 455 2.64 23.21 -11.99
C SER A 455 2.52 22.89 -13.49
N PHE A 456 2.34 21.62 -13.80
CA PHE A 456 2.29 21.20 -15.19
C PHE A 456 1.51 19.89 -15.28
N PRO A 457 0.17 19.92 -15.24
CA PRO A 457 -0.58 18.67 -15.20
C PRO A 457 -0.76 17.98 -16.55
N LEU A 458 -0.01 18.38 -17.60
CA LEU A 458 -0.16 17.77 -18.92
C LEU A 458 0.82 16.60 -19.06
N SER A 459 0.65 15.85 -20.15
CA SER A 459 1.35 14.59 -20.38
C SER A 459 2.69 14.75 -21.09
N GLY A 460 2.98 15.91 -21.68
CA GLY A 460 4.28 16.07 -22.30
C GLY A 460 4.53 17.48 -22.77
N GLY A 461 5.57 17.63 -23.62
CA GLY A 461 5.93 18.88 -24.24
C GLY A 461 7.14 19.57 -23.61
N ARG A 462 7.60 19.04 -22.48
CA ARG A 462 8.72 19.60 -21.73
C ARG A 462 9.27 18.50 -20.81
N ARG A 463 10.52 18.67 -20.39
CA ARG A 463 11.10 17.79 -19.39
C ARG A 463 10.40 18.09 -18.05
N MET A 464 10.11 17.04 -17.28
CA MET A 464 9.38 17.21 -16.05
C MET A 464 9.75 16.06 -15.13
N THR A 465 9.87 16.32 -13.83
CA THR A 465 9.86 15.25 -12.86
C THR A 465 8.60 15.43 -12.01
N LYS A 466 7.87 14.33 -11.86
CA LYS A 466 6.66 14.30 -11.06
C LYS A 466 6.78 13.13 -10.08
N VAL A 467 7.50 13.40 -8.98
CA VAL A 467 7.84 12.36 -8.02
C VAL A 467 6.58 11.88 -7.30
N VAL A 468 5.70 12.81 -6.92
CA VAL A 468 4.48 12.47 -6.19
C VAL A 468 3.49 11.72 -7.08
N ARG A 469 3.31 12.19 -8.33
CA ARG A 469 2.47 11.49 -9.27
C ARG A 469 2.97 10.05 -9.43
N ASP A 470 4.28 9.86 -9.60
CA ASP A 470 4.84 8.54 -9.76
C ASP A 470 4.61 7.66 -8.53
N PHE A 471 4.86 8.21 -7.36
CA PHE A 471 4.63 7.49 -6.12
C PHE A 471 3.16 7.10 -5.99
N LEU A 472 2.23 8.03 -6.22
CA LEU A 472 0.83 7.75 -5.95
C LEU A 472 0.21 6.83 -6.99
N LYS A 473 0.67 6.97 -8.23
CA LYS A 473 0.31 6.04 -9.29
C LYS A 473 0.71 4.61 -8.91
N ALA A 474 1.88 4.46 -8.28
CA ALA A 474 2.42 3.17 -7.88
C ALA A 474 1.57 2.53 -6.76
N GLN A 475 0.89 3.36 -5.97
CA GLN A 475 0.05 2.87 -4.89
C GLN A 475 -1.18 2.20 -5.50
N GLN A 476 -1.58 2.70 -6.68
CA GLN A 476 -2.62 2.16 -7.55
C GLN A 476 -4.06 2.42 -7.07
N VAL A 477 -4.33 2.31 -5.78
CA VAL A 477 -5.69 2.08 -5.32
C VAL A 477 -6.51 3.37 -5.31
N GLN A 478 -5.87 4.54 -5.44
CA GLN A 478 -6.61 5.81 -5.52
C GLN A 478 -6.29 6.55 -6.82
N ALA A 479 -6.02 5.78 -7.88
CA ALA A 479 -5.95 6.23 -9.28
C ALA A 479 -5.88 7.76 -9.42
N PRO A 480 -4.69 8.38 -9.30
CA PRO A 480 -4.60 9.83 -9.17
C PRO A 480 -4.82 10.62 -10.45
N VAL A 481 -5.26 11.88 -10.23
CA VAL A 481 -5.65 12.84 -11.26
C VAL A 481 -4.87 14.11 -10.97
N GLU A 482 -4.20 14.66 -11.98
CA GLU A 482 -3.48 15.91 -11.81
C GLU A 482 -4.36 17.14 -12.11
N LEU A 483 -4.17 18.17 -11.28
CA LEU A 483 -4.84 19.46 -11.41
C LEU A 483 -3.79 20.55 -11.54
N TYR A 484 -4.22 21.72 -12.05
CA TYR A 484 -3.32 22.85 -12.22
C TYR A 484 -3.48 23.78 -11.01
N SER A 485 -2.41 23.89 -10.20
CA SER A 485 -2.46 24.67 -8.97
C SER A 485 -1.48 25.84 -8.99
N ASP A 486 -0.61 25.95 -9.99
CA ASP A 486 0.48 26.89 -9.97
C ASP A 486 0.08 28.28 -10.47
N TRP A 487 -1.19 28.47 -10.85
CA TRP A 487 -1.73 29.79 -11.08
C TRP A 487 -1.89 30.56 -9.78
N LEU A 488 -1.80 29.86 -8.63
CA LEU A 488 -1.92 30.41 -7.30
C LEU A 488 -0.55 30.66 -6.70
N THR A 489 -0.44 31.81 -6.04
CA THR A 489 0.79 32.19 -5.36
C THR A 489 1.25 31.10 -4.39
N VAL A 490 0.35 30.64 -3.54
CA VAL A 490 0.69 29.63 -2.56
C VAL A 490 0.78 28.25 -3.24
N GLY A 491 -0.05 28.00 -4.26
CA GLY A 491 0.12 26.87 -5.14
C GLY A 491 -0.52 25.57 -4.66
N HIS A 492 -1.53 25.64 -3.79
CA HIS A 492 -2.11 24.45 -3.17
C HIS A 492 -3.54 24.23 -3.64
N VAL A 493 -3.89 22.98 -4.01
CA VAL A 493 -5.26 22.64 -4.39
C VAL A 493 -6.25 22.93 -3.25
N ASP A 494 -5.85 22.80 -1.97
CA ASP A 494 -6.82 23.08 -0.90
C ASP A 494 -7.16 24.57 -0.80
N GLU A 495 -6.49 25.46 -1.54
CA GLU A 495 -6.93 26.84 -1.55
CA GLU A 495 -6.87 26.86 -1.63
C GLU A 495 -8.09 27.05 -2.52
N PHE A 496 -8.47 26.04 -3.33
CA PHE A 496 -9.55 26.30 -4.26
C PHE A 496 -10.62 25.19 -4.31
N MET A 497 -10.44 24.05 -3.64
CA MET A 497 -11.43 23.00 -3.63
C MET A 497 -11.47 22.30 -2.28
N SER A 498 -12.66 21.78 -1.97
CA SER A 498 -12.85 20.88 -0.83
C SER A 498 -13.99 19.91 -1.11
N PHE A 499 -14.08 18.85 -0.31
CA PHE A 499 -15.23 17.96 -0.33
C PHE A 499 -15.89 17.96 1.05
N VAL A 500 -17.23 17.94 1.06
CA VAL A 500 -17.97 17.86 2.32
C VAL A 500 -19.08 16.82 2.15
N PRO A 501 -19.43 16.11 3.25
CA PRO A 501 -20.57 15.18 3.23
C PRO A 501 -21.87 15.99 3.17
N ILE A 502 -22.91 15.44 2.55
CA ILE A 502 -24.26 15.92 2.79
C ILE A 502 -24.83 15.16 4.00
N PRO A 503 -25.00 15.80 5.17
CA PRO A 503 -25.46 15.09 6.37
C PRO A 503 -26.77 14.33 6.15
N GLY A 504 -26.88 13.15 6.74
CA GLY A 504 -28.08 12.32 6.62
C GLY A 504 -28.08 11.46 5.36
N THR A 505 -27.06 11.67 4.52
CA THR A 505 -26.75 10.87 3.35
C THR A 505 -25.31 10.40 3.63
N LYS A 506 -24.58 9.62 2.83
CA LYS A 506 -24.86 9.08 1.51
C LYS A 506 -23.96 9.78 0.49
N LYS A 507 -24.22 11.08 0.29
CA LYS A 507 -23.67 11.82 -0.83
C LYS A 507 -22.65 12.84 -0.32
N PHE A 508 -21.99 13.54 -1.25
CA PHE A 508 -21.03 14.57 -0.90
C PHE A 508 -21.12 15.67 -1.92
N LEU A 509 -20.54 16.82 -1.58
CA LEU A 509 -20.41 17.91 -2.53
C LEU A 509 -18.94 18.25 -2.75
N LEU A 510 -18.64 18.73 -3.95
CA LEU A 510 -17.42 19.44 -4.24
C LEU A 510 -17.67 20.92 -4.00
N LEU A 511 -16.81 21.56 -3.21
CA LEU A 511 -16.84 23.00 -3.03
C LEU A 511 -15.68 23.61 -3.83
N MET A 512 -16.01 24.63 -4.65
CA MET A 512 -15.04 25.32 -5.50
C MET A 512 -15.02 26.79 -5.09
N ALA A 513 -13.80 27.36 -5.01
CA ALA A 513 -13.65 28.80 -5.00
C ALA A 513 -14.19 29.36 -6.33
N SER A 514 -14.81 30.55 -6.23
CA SER A 514 -15.39 31.21 -7.38
C SER A 514 -15.27 32.73 -7.24
N THR A 515 -14.54 33.33 -8.19
CA THR A 515 -14.46 34.78 -8.32
C THR A 515 -15.74 35.34 -8.89
N SER A 516 -16.43 34.58 -9.74
CA SER A 516 -17.62 35.12 -10.36
C SER A 516 -18.76 35.19 -9.36
N ALA A 517 -18.76 34.27 -8.36
CA ALA A 517 -19.72 34.35 -7.26
C ALA A 517 -19.43 35.57 -6.39
N CYS A 518 -18.17 35.92 -6.21
CA CYS A 518 -17.85 37.08 -5.39
C CYS A 518 -18.30 38.38 -6.06
N TYR A 519 -17.98 38.52 -7.34
CA TYR A 519 -18.34 39.71 -8.11
C TYR A 519 -19.85 39.92 -8.11
N LYS A 520 -20.62 38.86 -8.27
CA LYS A 520 -22.06 38.91 -8.29
C LYS A 520 -22.61 39.41 -6.95
N LEU A 521 -22.08 38.84 -5.86
CA LEU A 521 -22.44 39.25 -4.53
C LEU A 521 -22.11 40.73 -4.31
N PHE A 522 -20.92 41.19 -4.70
CA PHE A 522 -20.51 42.56 -4.40
C PHE A 522 -21.32 43.55 -5.24
N ARG A 523 -21.63 43.15 -6.48
CA ARG A 523 -22.42 43.99 -7.38
C ARG A 523 -23.84 44.13 -6.87
N GLU A 524 -24.43 43.04 -6.34
CA GLU A 524 -25.73 43.11 -5.68
C GLU A 524 -25.71 44.08 -4.48
N LYS A 525 -24.72 43.91 -3.60
CA LYS A 525 -24.64 44.78 -2.41
C LYS A 525 -24.47 46.24 -2.81
N GLN A 526 -23.67 46.52 -3.84
CA GLN A 526 -23.48 47.87 -4.32
C GLN A 526 -24.81 48.43 -4.83
N LYS A 527 -25.54 47.60 -5.58
CA LYS A 527 -26.84 47.98 -6.13
C LYS A 527 -27.83 48.30 -5.00
N ASP A 528 -27.76 47.56 -3.91
CA ASP A 528 -28.63 47.72 -2.75
C ASP A 528 -28.23 48.94 -1.92
N GLY A 529 -27.20 49.67 -2.31
CA GLY A 529 -26.80 50.88 -1.61
C GLY A 529 -25.68 50.66 -0.59
N HIS A 530 -24.90 49.56 -0.66
CA HIS A 530 -23.90 49.28 0.37
C HIS A 530 -22.48 49.31 -0.19
N GLY A 531 -22.31 50.12 -1.23
CA GLY A 531 -21.02 50.23 -1.88
C GLY A 531 -19.92 50.76 -0.99
N GLU A 532 -20.29 51.56 0.03
CA GLU A 532 -19.31 52.10 0.98
C GLU A 532 -19.08 51.15 2.15
N ALA A 533 -19.68 49.94 2.12
CA ALA A 533 -19.39 48.93 3.14
C ALA A 533 -17.88 48.60 3.12
N ILE A 534 -17.30 48.50 4.31
CA ILE A 534 -15.86 48.43 4.50
C ILE A 534 -15.47 46.99 4.77
N MET A 535 -14.39 46.54 4.13
CA MET A 535 -13.83 45.22 4.37
C MET A 535 -12.80 45.24 5.49
N PHE A 536 -12.41 44.06 5.96
CA PHE A 536 -11.33 43.93 6.92
C PHE A 536 -11.58 44.67 8.23
N LYS A 537 -12.84 44.72 8.69
CA LYS A 537 -13.12 45.36 9.97
CA LYS A 537 -13.15 45.32 9.98
C LYS A 537 -12.41 44.59 11.09
N GLY A 538 -11.75 45.35 11.96
CA GLY A 538 -11.07 44.77 13.10
C GLY A 538 -9.64 44.37 12.78
N LEU A 539 -9.22 44.57 11.52
CA LEU A 539 -7.83 44.44 11.13
C LEU A 539 -7.22 45.83 10.95
N GLY A 540 -6.65 46.37 12.03
CA GLY A 540 -6.21 47.75 12.07
C GLY A 540 -5.09 48.05 11.06
N GLY A 541 -4.28 47.04 10.74
CA GLY A 541 -3.27 47.20 9.71
C GLY A 541 -3.81 47.38 8.28
N MET A 542 -5.13 47.21 8.07
CA MET A 542 -5.75 47.36 6.75
C MET A 542 -6.52 48.68 6.66
N SER A 543 -6.75 49.33 7.82
CA SER A 543 -7.72 50.42 7.92
C SER A 543 -7.36 51.58 6.97
N SER A 544 -6.06 51.88 6.82
CA SER A 544 -5.64 53.02 6.00
C SER A 544 -5.90 52.80 4.52
N LYS A 545 -6.08 51.55 4.07
CA LYS A 545 -6.37 51.28 2.67
C LYS A 545 -7.82 51.62 2.32
N ARG A 546 -8.69 51.68 3.34
CA ARG A 546 -10.11 51.98 3.25
C ARG A 546 -10.78 51.25 2.07
N ILE A 547 -10.67 49.92 2.10
CA ILE A 547 -11.16 49.07 1.04
C ILE A 547 -12.65 48.88 1.21
N THR A 548 -13.41 49.33 0.22
CA THR A 548 -14.85 49.23 0.19
C THR A 548 -15.26 48.37 -1.01
N ILE A 549 -16.52 47.96 -1.05
CA ILE A 549 -17.07 47.33 -2.26
C ILE A 549 -16.87 48.23 -3.48
N ASN A 550 -17.17 49.56 -3.39
CA ASN A 550 -17.05 50.46 -4.52
C ASN A 550 -15.60 50.46 -5.03
N LYS A 551 -14.65 50.46 -4.11
CA LYS A 551 -13.24 50.51 -4.46
C LYS A 551 -12.84 49.23 -5.20
N ILE A 552 -13.35 48.08 -4.72
CA ILE A 552 -13.08 46.80 -5.38
C ILE A 552 -13.68 46.81 -6.78
N LEU A 553 -14.95 47.18 -6.88
CA LEU A 553 -15.62 47.03 -8.16
C LEU A 553 -15.16 48.04 -9.22
N SER A 554 -14.52 49.16 -8.80
N SER A 554 -14.52 49.15 -8.80
CA SER A 554 -14.04 50.17 -9.73
CA SER A 554 -14.06 50.18 -9.74
C SER A 554 -12.72 49.77 -10.38
C SER A 554 -12.66 49.85 -10.30
N ASN A 555 -12.01 48.80 -9.77
CA ASN A 555 -10.68 48.43 -10.21
C ASN A 555 -10.76 47.49 -11.40
N GLU A 556 -10.59 48.05 -12.61
CA GLU A 556 -10.79 47.29 -13.84
C GLU A 556 -9.77 46.18 -14.04
N SER A 557 -8.51 46.47 -13.70
CA SER A 557 -7.45 45.49 -13.77
C SER A 557 -7.78 44.27 -12.90
N LEU A 558 -8.32 44.51 -11.71
CA LEU A 558 -8.69 43.42 -10.81
C LEU A 558 -9.76 42.53 -11.42
N VAL A 559 -10.74 43.11 -12.10
CA VAL A 559 -11.77 42.36 -12.82
C VAL A 559 -11.13 41.39 -13.81
N GLN A 560 -10.22 41.90 -14.65
CA GLN A 560 -9.56 41.10 -15.67
C GLN A 560 -8.74 39.99 -15.04
N GLU A 561 -7.97 40.31 -13.98
CA GLU A 561 -7.20 39.30 -13.28
C GLU A 561 -8.09 38.16 -12.80
N ASN A 562 -9.20 38.52 -12.12
CA ASN A 562 -10.12 37.53 -11.56
C ASN A 562 -10.89 36.77 -12.66
N LEU A 563 -11.07 37.37 -13.85
CA LEU A 563 -11.65 36.61 -14.95
C LEU A 563 -10.69 35.50 -15.40
N TYR A 564 -9.40 35.81 -15.44
CA TYR A 564 -8.41 34.82 -15.78
C TYR A 564 -8.39 33.73 -14.73
N PHE A 565 -8.41 34.09 -13.43
CA PHE A 565 -8.39 33.09 -12.36
C PHE A 565 -9.62 32.19 -12.41
N GLN A 566 -10.77 32.74 -12.82
CA GLN A 566 -11.98 31.96 -12.96
C GLN A 566 -11.81 30.91 -14.08
N ARG A 567 -11.08 31.27 -15.15
CA ARG A 567 -10.72 30.33 -16.21
C ARG A 567 -9.88 29.16 -15.66
N CYS A 568 -8.89 29.48 -14.82
CA CYS A 568 -8.09 28.47 -14.11
C CYS A 568 -8.95 27.56 -13.22
N LEU A 569 -9.85 28.14 -12.43
CA LEU A 569 -10.77 27.34 -11.62
C LEU A 569 -11.65 26.41 -12.49
N ASP A 570 -12.22 26.94 -13.57
CA ASP A 570 -13.13 26.21 -14.43
C ASP A 570 -12.41 25.10 -15.18
N TRP A 571 -11.15 25.29 -15.53
CA TRP A 571 -10.37 24.25 -16.18
C TRP A 571 -10.22 23.06 -15.22
N ASN A 572 -9.94 23.35 -13.97
CA ASN A 572 -9.89 22.36 -12.91
C ASN A 572 -11.24 21.72 -12.66
N ARG A 573 -12.30 22.55 -12.58
CA ARG A 573 -13.67 22.07 -12.40
C ARG A 573 -14.00 20.97 -13.45
N ASP A 574 -13.58 21.18 -14.69
CA ASP A 574 -13.94 20.29 -15.79
C ASP A 574 -13.24 18.94 -15.66
N ILE A 575 -11.97 18.97 -15.23
CA ILE A 575 -11.26 17.72 -14.91
C ILE A 575 -11.91 16.98 -13.73
N LEU A 576 -12.26 17.70 -12.66
CA LEU A 576 -12.91 17.10 -11.49
C LEU A 576 -14.22 16.44 -11.92
N LYS A 577 -15.01 17.12 -12.76
CA LYS A 577 -16.32 16.57 -13.11
C LYS A 577 -16.18 15.30 -13.93
N LYS A 578 -15.24 15.29 -14.85
CA LYS A 578 -14.98 14.15 -15.71
C LYS A 578 -14.36 13.00 -14.95
N GLU A 579 -13.37 13.28 -14.10
CA GLU A 579 -12.61 12.21 -13.48
C GLU A 579 -13.26 11.68 -12.20
N LEU A 580 -14.24 12.41 -11.66
CA LEU A 580 -14.94 11.98 -10.45
C LEU A 580 -16.39 11.66 -10.72
N GLY A 581 -16.85 11.90 -11.95
CA GLY A 581 -18.22 11.57 -12.30
C GLY A 581 -19.24 12.52 -11.71
N LEU A 582 -18.92 13.82 -11.65
CA LEU A 582 -19.76 14.82 -11.00
C LEU A 582 -20.55 15.60 -12.03
N THR A 583 -21.75 16.05 -11.64
CA THR A 583 -22.50 17.05 -12.39
C THR A 583 -22.48 18.38 -11.63
N GLU A 584 -23.06 19.41 -12.25
CA GLU A 584 -23.24 20.70 -11.61
C GLU A 584 -24.09 20.60 -10.33
N GLN A 585 -24.93 19.56 -10.21
CA GLN A 585 -25.74 19.33 -9.02
C GLN A 585 -24.89 18.95 -7.81
N ASP A 586 -23.65 18.52 -8.06
CA ASP A 586 -22.79 18.07 -6.99
C ASP A 586 -21.83 19.16 -6.52
N ILE A 587 -21.95 20.38 -7.07
CA ILE A 587 -20.96 21.43 -6.83
C ILE A 587 -21.61 22.67 -6.23
N ILE A 588 -20.94 23.23 -5.24
CA ILE A 588 -21.29 24.53 -4.70
C ILE A 588 -20.07 25.45 -4.82
N ASP A 589 -20.32 26.69 -5.30
CA ASP A 589 -19.32 27.69 -5.56
C ASP A 589 -19.31 28.66 -4.38
N LEU A 590 -18.16 28.82 -3.72
CA LEU A 590 -18.01 29.79 -2.64
C LEU A 590 -17.26 31.01 -3.14
N PRO A 591 -17.71 32.22 -2.74
CA PRO A 591 -17.12 33.46 -3.23
C PRO A 591 -15.68 33.53 -2.76
N ALA A 592 -14.80 33.89 -3.70
CA ALA A 592 -13.38 34.07 -3.49
C ALA A 592 -12.91 35.24 -4.35
N LEU A 593 -11.80 35.84 -3.97
CA LEU A 593 -11.22 36.96 -4.70
C LEU A 593 -9.71 36.93 -4.54
N PHE A 594 -9.03 37.22 -5.65
CA PHE A 594 -7.59 37.21 -5.68
C PHE A 594 -7.07 38.53 -6.25
N LYS A 595 -5.78 38.78 -6.00
CA LYS A 595 -5.05 39.84 -6.65
C LYS A 595 -3.85 39.23 -7.35
N MET A 596 -3.57 39.62 -8.58
CA MET A 596 -2.42 39.05 -9.29
C MET A 596 -1.13 39.63 -8.73
N ASP A 597 -0.19 38.76 -8.42
CA ASP A 597 1.13 39.17 -7.96
C ASP A 597 2.01 39.44 -9.18
N GLU A 598 3.28 39.79 -8.94
CA GLU A 598 4.21 40.19 -9.99
C GLU A 598 4.63 39.00 -10.85
N ASP A 599 4.47 37.75 -10.36
CA ASP A 599 4.68 36.56 -11.15
C ASP A 599 3.42 36.12 -11.88
N HIS A 600 2.41 36.99 -11.97
CA HIS A 600 1.13 36.69 -12.60
C HIS A 600 0.35 35.58 -11.89
N ARG A 601 0.64 35.30 -10.62
CA ARG A 601 -0.11 34.34 -9.84
C ARG A 601 -1.14 35.03 -8.92
N ALA A 602 -2.11 34.23 -8.47
CA ALA A 602 -3.24 34.68 -7.66
C ALA A 602 -2.90 34.66 -6.18
N ARG A 603 -2.89 35.84 -5.55
CA ARG A 603 -2.79 35.96 -4.12
C ARG A 603 -4.21 36.19 -3.56
N ALA A 604 -4.59 35.46 -2.53
CA ALA A 604 -5.89 35.68 -1.90
C ALA A 604 -6.02 37.13 -1.44
N PHE A 605 -7.15 37.73 -1.79
CA PHE A 605 -7.47 39.10 -1.44
C PHE A 605 -8.04 39.11 -0.02
N PHE A 606 -8.90 38.14 0.27
CA PHE A 606 -9.35 37.78 1.60
C PHE A 606 -9.22 36.28 1.78
N PRO A 607 -9.21 35.77 3.03
CA PRO A 607 -9.03 34.35 3.29
C PRO A 607 -9.92 33.41 2.47
N ASN A 608 -9.26 32.36 1.97
CA ASN A 608 -9.94 31.36 1.14
C ASN A 608 -10.81 30.48 2.02
N MET A 609 -12.12 30.73 2.01
CA MET A 609 -13.06 30.02 2.84
C MET A 609 -13.13 28.53 2.46
N VAL A 610 -12.79 28.18 1.21
CA VAL A 610 -12.92 26.79 0.78
C VAL A 610 -11.93 25.92 1.57
N ASN A 611 -10.87 26.53 2.13
CA ASN A 611 -9.83 25.78 2.78
C ASN A 611 -10.23 25.55 4.24
N MET A 612 -11.19 24.64 4.42
CA MET A 612 -11.90 24.46 5.68
C MET A 612 -11.55 23.14 6.36
N ILE A 613 -11.89 23.08 7.65
CA ILE A 613 -11.80 21.87 8.47
C ILE A 613 -13.16 21.18 8.41
N VAL A 614 -13.16 19.93 7.97
CA VAL A 614 -14.40 19.20 7.80
C VAL A 614 -14.49 18.08 8.85
N LEU A 615 -15.41 18.28 9.82
CA LEU A 615 -15.63 17.35 10.92
C LEU A 615 -17.07 16.86 10.90
N ASP A 616 -17.34 15.87 10.06
CA ASP A 616 -18.69 15.45 9.66
C ASP A 616 -19.53 16.67 9.25
N LYS A 617 -20.65 16.96 9.96
CA LYS A 617 -21.55 18.04 9.59
C LYS A 617 -20.98 19.40 10.00
N ASP A 618 -19.94 19.42 10.84
CA ASP A 618 -19.36 20.67 11.34
C ASP A 618 -18.19 21.14 10.48
N LEU A 619 -18.30 22.39 10.03
CA LEU A 619 -17.29 22.99 9.16
C LEU A 619 -16.62 24.15 9.89
N GLY A 620 -15.30 24.08 9.97
CA GLY A 620 -14.46 25.17 10.41
C GLY A 620 -13.94 25.97 9.21
N ILE A 621 -14.58 27.11 8.97
CA ILE A 621 -14.35 27.91 7.78
C ILE A 621 -13.51 29.13 8.13
N PRO A 622 -12.39 29.45 7.41
CA PRO A 622 -11.65 30.67 7.69
C PRO A 622 -12.57 31.90 7.62
N LYS A 623 -12.46 32.78 8.60
CA LYS A 623 -13.22 34.01 8.65
C LYS A 623 -12.74 34.94 7.55
N PRO A 624 -13.63 35.39 6.64
CA PRO A 624 -13.19 36.16 5.47
C PRO A 624 -12.97 37.66 5.64
N PHE A 625 -13.56 38.26 6.70
CA PHE A 625 -13.41 39.67 6.98
C PHE A 625 -13.95 40.51 5.81
N GLY A 626 -15.15 40.12 5.34
CA GLY A 626 -15.80 40.73 4.20
C GLY A 626 -16.53 42.02 4.56
N PRO A 627 -17.12 42.71 3.56
CA PRO A 627 -17.83 43.96 3.79
C PRO A 627 -19.01 43.71 4.74
N GLN A 628 -19.17 44.60 5.72
CA GLN A 628 -20.20 44.50 6.71
C GLN A 628 -21.47 45.17 6.21
N VAL A 629 -22.56 44.42 6.17
CA VAL A 629 -23.85 44.93 5.76
C VAL A 629 -24.81 44.60 6.90
N GLU A 630 -25.40 45.63 7.53
CA GLU A 630 -26.24 45.46 8.71
C GLU A 630 -25.44 44.73 9.79
N GLU A 631 -24.15 45.06 9.90
CA GLU A 631 -23.28 44.59 10.97
C GLU A 631 -23.08 43.07 10.93
N GLU A 632 -23.28 42.44 9.76
CA GLU A 632 -22.80 41.11 9.51
C GLU A 632 -21.89 41.13 8.27
N CYS A 633 -20.95 40.19 8.25
CA CYS A 633 -20.12 39.97 7.08
C CYS A 633 -21.00 39.42 5.95
N CYS A 634 -21.03 40.10 4.79
CA CYS A 634 -21.91 39.60 3.73
C CYS A 634 -21.39 38.28 3.16
N LEU A 635 -20.08 38.03 3.25
CA LEU A 635 -19.51 36.78 2.77
C LEU A 635 -19.92 35.63 3.70
N GLU A 636 -19.81 35.85 5.02
CA GLU A 636 -20.27 34.84 5.99
C GLU A 636 -21.75 34.51 5.77
N MET A 637 -22.59 35.53 5.55
CA MET A 637 -24.03 35.33 5.44
C MET A 637 -24.32 34.55 4.15
N HIS A 638 -23.56 34.89 3.09
CA HIS A 638 -23.72 34.21 1.82
C HIS A 638 -23.35 32.73 1.95
N VAL A 639 -22.21 32.46 2.58
CA VAL A 639 -21.78 31.07 2.74
C VAL A 639 -22.73 30.25 3.62
N ARG A 640 -23.16 30.81 4.75
CA ARG A 640 -24.20 30.17 5.54
C ARG A 640 -25.44 29.86 4.70
N GLY A 641 -25.89 30.80 3.85
CA GLY A 641 -27.05 30.59 3.00
C GLY A 641 -26.89 29.42 2.03
N LEU A 642 -25.65 29.16 1.59
CA LEU A 642 -25.35 28.07 0.67
C LEU A 642 -25.33 26.73 1.41
N LEU A 643 -24.71 26.68 2.59
CA LEU A 643 -24.37 25.42 3.23
C LEU A 643 -25.39 24.99 4.29
N GLU A 644 -25.92 25.94 5.06
CA GLU A 644 -26.82 25.62 6.15
C GLU A 644 -28.08 24.87 5.70
N PRO A 645 -28.72 25.19 4.57
CA PRO A 645 -29.88 24.41 4.12
C PRO A 645 -29.62 22.92 3.91
N LEU A 646 -28.34 22.50 3.87
CA LEU A 646 -28.00 21.11 3.64
C LEU A 646 -27.75 20.41 4.95
N GLY A 647 -27.89 21.16 6.05
CA GLY A 647 -27.64 20.63 7.39
C GLY A 647 -26.17 20.73 7.81
N LEU A 648 -25.33 21.45 7.04
CA LEU A 648 -23.95 21.71 7.42
C LEU A 648 -23.94 22.86 8.41
N GLU A 649 -23.17 22.69 9.47
CA GLU A 649 -23.04 23.68 10.54
C GLU A 649 -21.71 24.43 10.39
N CYS A 650 -21.79 25.75 10.19
CA CYS A 650 -20.65 26.58 9.87
C CYS A 650 -20.18 27.34 11.11
N THR A 651 -18.87 27.23 11.36
CA THR A 651 -18.17 27.97 12.38
C THR A 651 -17.03 28.71 11.72
N PHE A 652 -17.04 30.06 11.77
CA PHE A 652 -15.96 30.83 11.20
C PHE A 652 -14.83 30.97 12.21
N ILE A 653 -13.61 30.67 11.74
CA ILE A 653 -12.44 30.63 12.59
C ILE A 653 -11.49 31.71 12.15
N ASP A 654 -11.20 32.59 13.10
CA ASP A 654 -10.38 33.75 12.83
C ASP A 654 -8.91 33.39 13.01
N ASP A 655 -8.17 33.26 11.92
CA ASP A 655 -6.76 32.91 12.02
C ASP A 655 -5.87 34.14 11.85
N ILE A 656 -6.44 35.32 11.57
CA ILE A 656 -5.59 36.41 11.10
C ILE A 656 -5.59 37.64 12.02
N SER A 657 -6.63 37.85 12.84
CA SER A 657 -6.75 39.00 13.76
C SER A 657 -5.46 39.25 14.54
N ALA A 658 -4.81 38.18 14.99
CA ALA A 658 -3.59 38.30 15.78
C ALA A 658 -2.50 39.01 14.98
N TYR A 659 -2.57 39.02 13.65
CA TYR A 659 -1.56 39.68 12.84
C TYR A 659 -1.95 41.10 12.39
N HIS A 660 -3.19 41.53 12.65
CA HIS A 660 -3.73 42.85 12.34
C HIS A 660 -3.94 43.15 10.86
N LYS A 661 -3.63 42.20 9.97
CA LYS A 661 -3.75 42.50 8.56
C LYS A 661 -3.70 41.18 7.79
N PHE A 662 -4.08 41.23 6.53
CA PHE A 662 -4.07 40.05 5.68
C PHE A 662 -3.35 40.41 4.39
N LEU A 663 -2.33 39.63 4.03
CA LEU A 663 -1.53 39.90 2.85
C LEU A 663 -1.51 38.66 1.95
N GLY A 664 -2.48 37.77 2.12
CA GLY A 664 -2.62 36.64 1.22
C GLY A 664 -2.17 35.33 1.82
N GLU A 665 -1.39 35.37 2.92
CA GLU A 665 -0.93 34.20 3.65
C GLU A 665 -1.71 34.06 4.96
N VAL A 666 -2.08 32.81 5.31
CA VAL A 666 -2.51 32.46 6.66
C VAL A 666 -1.34 31.75 7.36
N HIS A 667 -1.24 31.90 8.68
CA HIS A 667 -0.06 31.47 9.41
C HIS A 667 -0.43 30.35 10.39
N CYS A 668 -1.38 29.51 9.98
CA CYS A 668 -1.74 28.35 10.77
C CYS A 668 -2.05 27.22 9.80
N GLY A 669 -1.97 25.99 10.30
CA GLY A 669 -2.32 24.82 9.53
C GLY A 669 -3.17 23.87 10.37
N THR A 670 -3.92 23.02 9.68
CA THR A 670 -4.66 21.98 10.37
C THR A 670 -4.56 20.72 9.52
N ASN A 671 -4.62 19.58 10.22
CA ASN A 671 -4.79 18.30 9.56
C ASN A 671 -5.59 17.39 10.48
N VAL A 672 -6.28 16.44 9.87
CA VAL A 672 -7.20 15.59 10.58
C VAL A 672 -6.84 14.14 10.31
N ARG A 673 -6.59 13.41 11.40
CA ARG A 673 -6.51 11.96 11.31
C ARG A 673 -7.90 11.35 11.44
N ARG A 674 -8.23 10.52 10.44
CA ARG A 674 -9.56 10.00 10.27
C ARG A 674 -9.51 8.48 10.34
N LYS A 675 -10.64 7.86 10.62
CA LYS A 675 -10.75 6.41 10.58
C LYS A 675 -10.62 5.92 9.15
N PRO A 676 -10.01 4.74 8.95
CA PRO A 676 -9.85 4.18 7.62
C PRO A 676 -11.20 3.81 7.01
N PHE A 677 -11.19 3.67 5.68
CA PHE A 677 -12.31 3.04 5.00
C PHE A 677 -12.52 1.64 5.58
N THR A 678 -13.79 1.25 5.60
CA THR A 678 -14.17 -0.10 5.96
C THR A 678 -13.90 -1.04 4.77
N PHE A 679 -13.94 -0.52 3.55
CA PHE A 679 -13.62 -1.32 2.39
C PHE A 679 -12.12 -1.67 2.41
N LYS A 680 -11.77 -2.95 2.22
CA LYS A 680 -10.37 -3.35 2.24
C LYS A 680 -9.75 -3.13 0.88
N TRP A 681 -8.58 -2.47 0.85
CA TRP A 681 -7.95 -2.12 -0.42
C TRP A 681 -7.74 -3.35 -1.32
N TRP A 682 -7.47 -4.53 -0.73
CA TRP A 682 -7.10 -5.70 -1.52
C TRP A 682 -8.32 -6.33 -2.22
N HIS A 683 -9.52 -5.80 -1.92
CA HIS A 683 -10.74 -6.19 -2.60
C HIS A 683 -11.04 -5.36 -3.86
N MET A 684 -10.31 -4.26 -4.05
CA MET A 684 -10.31 -3.49 -5.28
C MET A 684 -9.85 -4.37 -6.44
N VAL A 685 -10.28 -4.04 -7.65
CA VAL A 685 -9.57 -4.48 -8.85
C VAL A 685 -9.06 -3.27 -9.64
N PRO A 686 -7.79 -2.81 -9.46
CA PRO A 686 -7.27 -1.66 -10.21
C PRO A 686 -7.14 -1.94 -11.72
N SER A 687 -7.13 -0.86 -12.53
CA SER A 687 -6.83 -0.96 -13.96
C SER A 687 -5.45 -1.59 -14.16
N ARG A 688 -5.31 -2.46 -15.17
CA ARG A 688 -4.01 -3.02 -15.54
C ARG A 688 -3.28 -2.08 -16.49
C47 A1AJA B . 6.70 27.02 -25.10
C43 A1AJA B . 8.88 24.49 -26.69
C40 A1AJA B . -2.92 23.86 -17.75
C36 A1AJA B . -2.20 26.02 -18.55
C35 A1AJA B . -1.98 24.67 -18.39
C33 A1AJA B . 1.38 24.62 -19.55
C37 A1AJA B . -3.38 26.57 -18.08
C32 A1AJA B . 0.40 24.72 -18.58
C4 A1AJA B . 4.16 32.07 -21.93
C7 A1AJA B . 3.82 29.47 -22.84
C6 A1AJA B . 3.73 30.54 -23.74
C9 A1AJA B . 2.54 27.35 -22.96
C13 A1AJA B . 1.83 23.62 -22.89
C20 A1AJA B . 4.95 24.68 -22.11
C21 A1AJA B . 5.46 24.34 -23.36
C18 A1AJA B . 0.47 23.50 -23.20
C16 A1AJA B . 0.76 21.26 -24.00
C1 A1AJA B . 4.19 28.58 -20.47
C2 A1AJA B . 4.08 29.70 -21.47
C3 A1AJA B . 4.23 31.01 -21.06
C5 A1AJA B . 3.93 31.85 -23.27
N8 A1AJA B . 3.57 28.15 -23.32
O10 A1AJA B . 1.64 27.70 -22.21
C11 A1AJA B . 2.57 25.95 -23.57
C12 A1AJA B . 2.43 24.93 -22.44
C14 A1AJA B . 2.62 22.48 -23.08
C15 A1AJA B . 2.10 21.31 -23.62
C17 A1AJA B . -0.06 22.35 -23.78
BR A1AJA B . -0.78 24.93 -22.70
N19 A1AJA B . 3.65 24.84 -21.62
C22 A1AJA B . 6.83 24.19 -23.51
C23 A1AJA B . 7.66 24.39 -22.40
C24 A1AJA B . 7.15 24.72 -21.15
C25 A1AJA B . 5.77 24.85 -21.00
N26 A1AJA B . 5.01 25.09 -19.86
C27 A1AJA B . 3.76 25.07 -20.28
C28 A1AJA B . 2.62 25.23 -19.35
C29 A1AJA B . 2.83 25.98 -18.19
C30 A1AJA B . 1.83 26.11 -17.23
C31 A1AJA B . 0.61 25.46 -17.41
O34 A1AJA B . -0.77 24.02 -18.61
C38 A1AJA B . -4.31 25.77 -17.46
C39 A1AJA B . -4.10 24.42 -17.29
CL A1AJA B . -5.80 26.46 -16.92
C41 A1AJA B . 7.40 23.79 -24.85
N42 A1AJA B . 8.07 24.92 -25.53
C44 A1AJA B . 9.13 25.78 -27.44
C45 A1AJA B . 7.80 26.55 -27.31
C46 A1AJA B . 7.11 25.93 -26.08
O48 A1AJA B . 5.61 27.59 -25.23
N49 A1AJA B . 7.58 27.36 -24.17
C50 A1AJA B . 7.31 28.37 -23.16
N51 A1AJA B . 3.95 32.96 -24.14
S52 A1AJA B . 2.71 33.32 -25.11
O53 A1AJA B . 2.90 34.67 -25.56
O54 A1AJA B . 2.66 32.28 -26.08
C55 A1AJA B . 1.27 33.25 -24.14
C ACT C . 17.44 -20.96 11.37
O ACT C . 17.26 -19.73 11.29
OXT ACT C . 18.47 -21.54 10.94
CH3 ACT C . 16.38 -21.81 12.08
C ACT D . 0.24 -12.90 10.01
O ACT D . 1.25 -12.27 10.38
OXT ACT D . -0.76 -13.08 10.72
CH3 ACT D . 0.23 -13.47 8.62
CA CA E . 3.92 -1.05 15.56
CA CA F . 7.32 -1.10 14.16
CA CA G . 13.60 -2.75 12.60
CA CA H . -4.82 -17.64 6.39
#